data_6Z7P
#
_entry.id   6Z7P
#
_cell.length_a   1.00
_cell.length_b   1.00
_cell.length_c   1.00
_cell.angle_alpha   90.00
_cell.angle_beta   90.00
_cell.angle_gamma   90.00
#
_symmetry.space_group_name_H-M   'P 1'
#
loop_
_entity.id
_entity.type
_entity.pdbx_description
1 polymer 'S-layer protein'
2 branched 4-acetamido-4,6-dideoxy-alpha-D-mannopyranose-(1-3)-4-acetamido-4,6-dideoxy-alpha-D-mannopyranose-(1-3)-beta-D-mannopyranose-(1-3)-4-acetamido-4,6-dideoxy-alpha-D-mannopyranose-(1-3)-4-acetamido-4,6-dideoxy-alpha-D-mannopyranose-(1-3)-beta-D-mannopyranose-(1-3)-4-acetamido-4,6-dideoxy-alpha-D-mannopyranose-(1-3)-4-acetamido-4,6-dideoxy-alpha-D-mannopyranose-(1-3)-beta-D-mannopyranose
3 non-polymer 'CALCIUM ION'
#
_entity_poly.entity_id   1
_entity_poly.type   'polypeptide(L)'
_entity_poly.pdbx_seq_one_letter_code
;AYTTAQLVTAYTNANLGKAPDAATTLTLDAYATQTQTGGLSDAAALTNTLKLVNSTTAVAIQTYQFFTGVAPSAAGLDFL
VDSTTNTNDLNDAYYSKFAQENRFINFSINLATGAGAGATAFAAAYTGVSYAQTVATAYDKIIGNAVATAAGVDVAAAVA
FLSRQANIDYLTAFVRANTPFTAAADIDLAVKAALIGTILNAATVSGIGGYATATAAMINDLSDGALSTDNAAGVNLFTA
YPSSGVSGSTLSLTTGTDTLTGTANNDTFVAGEVAGAATLTVGDTLSGGAGTDVLNWVQAAAVTALPTGVTISGIETMNV
TSGAAITLNTSSGVTGLTALNTNTSGAAQTVTAGAGQNLTATTAAQAANNVAVDGGANVTVASTGVTSGTTTVGANSAAS
GTVSVSVANSSTTTTGAIAVTGGTAVTVAQTAGNAVNTTLTQADVTVTGNSSTTAVTVTQTAAATAGATVAGRVNGAVTI
TDSAAASATTAGKIATVTLGSFGAATIDSSALTTVNLSGTGTSLGIGRGALTATPTANTLTLNVNGLTTTGAITDSEAAA
DDGFTTINIAGSTASSTIASLVAADATTLNISGDARVTITSHTAAALTGITVTNSVGATLGAELATGLVFTGGAGADSIL
LGATTKAIVMGAGDDTVTVSSATLGAGGSVNGGDGTDVLVANVNGSSFSADPAFGGFETLRVAGAAAQGSHNANGFTALQ
LGATAGATTFTNVAVNVGLTVLAAPTGTTTVTLANATGTSDVFNLTLSSSAALAAGTVALAGVETVNIAATDTNTTAHVD
TLTLQATSAKSIVVTGNAGLNLTNTGNTAVTSFDASAVTGTGSAVTFVSANTTVGEVVTIRGGAGADSLTGSATANDTII
GGAGADTLVYTGGTDTFTGGTGADIFDINAIGTSTAFVTITDAAVGDKLDLVGISTNGAIADGAFGAAVTLGAAATLAQY
LDAAAAGDGSGTSVAKWFQFGGDTYVVVDSSAGATFVSGADAVIKLTGLVTLTTSAFATEVLTLA
;
_entity_poly.pdbx_strand_id   A
#
loop_
_chem_comp.id
_chem_comp.type
_chem_comp.name
_chem_comp.formula
BMA D-saccharide, beta linking beta-D-mannopyranose 'C6 H12 O6'
CA non-polymer 'CALCIUM ION' 'Ca 2'
MRH D-saccharide, alpha linking 4-acetamido-4,6-dideoxy-alpha-D-mannopyranose 'C8 H15 N O5'
#
# COMPACT_ATOMS: atom_id res chain seq x y z
N ALA A 1 4.06 5.85 -44.34
CA ALA A 1 2.81 6.31 -44.99
C ALA A 1 1.92 6.99 -43.96
N TYR A 2 1.87 8.33 -44.06
CA TYR A 2 0.90 9.02 -43.24
C TYR A 2 -0.37 9.23 -44.06
N THR A 3 -1.51 8.98 -43.42
CA THR A 3 -2.78 9.45 -43.98
C THR A 3 -2.87 10.96 -43.81
N THR A 4 -3.55 11.65 -44.74
CA THR A 4 -3.66 13.10 -44.70
C THR A 4 -4.38 13.63 -43.46
N ALA A 5 -5.08 12.75 -42.75
CA ALA A 5 -5.73 13.17 -41.54
C ALA A 5 -4.77 13.07 -40.35
N GLN A 6 -3.57 12.55 -40.56
CA GLN A 6 -2.59 12.52 -39.50
C GLN A 6 -1.68 13.73 -39.58
N LEU A 7 -1.38 14.12 -40.80
CA LEU A 7 -0.61 15.32 -40.94
C LEU A 7 -1.36 16.55 -40.49
N VAL A 8 -2.69 16.56 -40.59
CA VAL A 8 -3.37 17.74 -40.09
C VAL A 8 -3.43 17.79 -38.58
N THR A 9 -3.41 16.64 -37.92
CA THR A 9 -3.34 16.70 -36.47
C THR A 9 -1.95 17.12 -36.00
N ALA A 10 -0.96 16.67 -36.76
CA ALA A 10 0.39 17.09 -36.44
C ALA A 10 0.59 18.58 -36.67
N TYR A 11 -0.14 19.17 -37.60
CA TYR A 11 0.01 20.58 -37.82
C TYR A 11 -0.77 21.33 -36.75
N THR A 12 -1.92 20.79 -36.38
CA THR A 12 -2.75 21.50 -35.42
C THR A 12 -2.08 21.63 -34.04
N ASN A 13 -1.50 20.53 -33.57
CA ASN A 13 -0.84 20.62 -32.28
C ASN A 13 0.40 21.51 -32.33
N ALA A 14 1.14 21.47 -33.44
CA ALA A 14 2.22 22.42 -33.56
C ALA A 14 1.71 23.88 -33.50
N ASN A 15 0.57 24.15 -34.09
CA ASN A 15 0.06 25.49 -34.10
C ASN A 15 -0.76 25.70 -32.85
N LEU A 16 -0.72 24.75 -31.92
CA LEU A 16 -1.38 24.88 -30.63
C LEU A 16 -2.91 24.99 -30.74
N GLY A 17 -3.50 24.23 -31.66
CA GLY A 17 -4.96 24.16 -31.72
C GLY A 17 -5.60 24.98 -32.85
N LYS A 18 -4.79 25.66 -33.67
CA LYS A 18 -5.37 26.34 -34.82
C LYS A 18 -5.35 25.40 -36.00
N ALA A 19 -6.54 25.18 -36.61
CA ALA A 19 -6.71 24.23 -37.71
C ALA A 19 -6.35 24.88 -39.04
N PRO A 20 -5.63 24.17 -39.93
CA PRO A 20 -4.97 24.78 -41.08
C PRO A 20 -5.96 25.34 -42.12
N ASP A 21 -5.52 26.36 -42.88
CA ASP A 21 -6.33 27.01 -43.91
C ASP A 21 -6.56 26.03 -45.03
N ALA A 22 -7.50 26.36 -45.90
CA ALA A 22 -7.89 25.44 -46.95
C ALA A 22 -6.71 25.16 -47.90
N ALA A 23 -5.94 26.19 -48.20
CA ALA A 23 -4.80 26.10 -49.11
C ALA A 23 -3.77 25.06 -48.66
N THR A 24 -3.42 25.14 -47.37
CA THR A 24 -2.38 24.32 -46.77
C THR A 24 -2.85 22.87 -46.59
N THR A 25 -4.15 22.71 -46.39
CA THR A 25 -4.67 21.36 -46.32
C THR A 25 -4.30 20.67 -47.61
N LEU A 26 -4.39 21.39 -48.72
CA LEU A 26 -4.06 20.81 -50.02
C LEU A 26 -2.59 20.51 -50.05
N THR A 27 -1.83 21.31 -49.32
CA THR A 27 -0.41 21.06 -49.40
C THR A 27 -0.03 19.84 -48.61
N LEU A 28 -0.66 19.68 -47.47
CA LEU A 28 -0.36 18.51 -46.66
C LEU A 28 -0.84 17.26 -47.35
N ASP A 29 -1.97 17.34 -48.02
CA ASP A 29 -2.48 16.17 -48.67
C ASP A 29 -1.48 15.66 -49.69
N ALA A 30 -0.81 16.59 -50.37
CA ALA A 30 0.21 16.18 -51.31
C ALA A 30 1.34 15.42 -50.63
N TYR A 31 1.75 15.87 -49.45
CA TYR A 31 2.84 15.23 -48.76
C TYR A 31 2.40 13.87 -48.28
N ALA A 32 1.11 13.69 -48.02
CA ALA A 32 0.66 12.38 -47.62
C ALA A 32 0.81 11.39 -48.77
N THR A 33 0.29 11.79 -49.92
CA THR A 33 0.19 10.84 -51.00
C THR A 33 1.56 10.65 -51.62
N GLN A 34 2.50 11.51 -51.29
CA GLN A 34 3.81 11.25 -51.81
C GLN A 34 4.53 10.29 -50.92
N THR A 35 3.91 9.94 -49.79
CA THR A 35 4.55 8.94 -48.94
C THR A 35 3.89 7.59 -49.11
N GLN A 36 2.64 7.60 -49.58
CA GLN A 36 1.98 6.36 -49.91
C GLN A 36 2.66 5.71 -51.13
N THR A 37 3.28 6.53 -51.99
CA THR A 37 3.86 6.04 -53.23
C THR A 37 5.38 5.90 -53.15
N GLY A 38 5.98 6.22 -52.01
CA GLY A 38 7.42 6.09 -51.82
C GLY A 38 8.29 7.09 -52.60
N GLY A 39 7.69 8.21 -53.03
CA GLY A 39 8.48 9.34 -53.52
C GLY A 39 8.97 10.31 -52.44
N LEU A 40 8.82 9.90 -51.15
CA LEU A 40 9.18 10.68 -49.97
C LEU A 40 9.14 9.76 -48.74
N SER A 41 10.15 9.86 -47.87
CA SER A 41 10.19 9.04 -46.67
C SER A 41 9.24 9.55 -45.60
N ASP A 42 9.13 8.90 -44.45
CA ASP A 42 8.18 9.37 -43.44
C ASP A 42 8.65 10.61 -42.72
N ALA A 43 9.86 10.54 -42.21
CA ALA A 43 10.41 11.63 -41.42
C ALA A 43 10.52 12.90 -42.26
N ALA A 44 10.75 12.73 -43.56
CA ALA A 44 10.80 13.85 -44.48
C ALA A 44 9.48 14.61 -44.52
N ALA A 45 8.38 13.86 -44.59
CA ALA A 45 7.07 14.49 -44.73
C ALA A 45 6.68 15.22 -43.47
N LEU A 46 6.97 14.61 -42.31
CA LEU A 46 6.63 15.25 -41.06
C LEU A 46 7.45 16.51 -40.83
N THR A 47 8.72 16.51 -41.23
CA THR A 47 9.52 17.73 -41.13
C THR A 47 8.89 18.89 -41.88
N ASN A 48 8.39 18.64 -43.09
CA ASN A 48 7.83 19.72 -43.88
C ASN A 48 6.54 20.30 -43.31
N THR A 49 5.74 19.40 -42.73
CA THR A 49 4.59 19.88 -42.01
C THR A 49 5.00 20.83 -40.86
N LEU A 50 6.01 20.46 -40.12
CA LEU A 50 6.34 21.33 -39.01
C LEU A 50 7.08 22.60 -39.47
N LYS A 51 7.68 22.56 -40.66
CA LYS A 51 8.23 23.77 -41.22
C LYS A 51 7.14 24.81 -41.56
N LEU A 52 5.96 24.35 -41.84
CA LEU A 52 4.86 25.27 -42.12
C LEU A 52 4.39 26.05 -40.89
N VAL A 53 4.80 25.65 -39.69
CA VAL A 53 4.38 26.32 -38.45
C VAL A 53 5.43 27.32 -37.95
N ASN A 54 6.43 27.61 -38.80
CA ASN A 54 7.53 28.49 -38.45
C ASN A 54 7.11 29.85 -37.94
N SER A 55 6.45 30.56 -38.88
CA SER A 55 6.00 31.91 -38.59
C SER A 55 5.09 31.99 -37.34
N THR A 56 4.14 31.09 -37.15
CA THR A 56 3.24 31.17 -36.01
C THR A 56 3.96 30.84 -34.69
N THR A 57 4.81 29.82 -34.63
CA THR A 57 5.22 29.25 -33.34
C THR A 57 6.67 29.58 -33.13
N ALA A 58 7.52 29.04 -34.00
CA ALA A 58 8.94 29.24 -33.89
C ALA A 58 9.28 30.69 -33.54
N VAL A 59 8.48 31.67 -33.96
CA VAL A 59 8.73 33.05 -33.59
C VAL A 59 8.60 33.27 -32.10
N ALA A 60 7.76 32.50 -31.41
CA ALA A 60 7.66 32.74 -29.99
C ALA A 60 8.65 31.88 -29.20
N ILE A 61 8.97 30.65 -29.64
CA ILE A 61 9.98 29.93 -28.90
C ILE A 61 11.31 30.60 -29.03
N GLN A 62 11.73 31.03 -30.22
CA GLN A 62 13.11 31.42 -30.34
C GLN A 62 13.29 32.77 -29.71
N THR A 63 12.40 33.72 -29.92
CA THR A 63 12.70 35.01 -29.35
C THR A 63 12.62 35.01 -27.84
N TYR A 64 11.67 34.32 -27.24
CA TYR A 64 11.65 34.35 -25.78
C TYR A 64 12.96 33.81 -25.22
N GLN A 65 13.55 32.79 -25.85
CA GLN A 65 14.76 32.22 -25.30
C GLN A 65 15.89 33.21 -25.43
N PHE A 66 16.03 33.86 -26.57
CA PHE A 66 17.15 34.75 -26.67
C PHE A 66 17.05 35.95 -25.71
N PHE A 67 15.84 36.45 -25.42
CA PHE A 67 15.74 37.63 -24.57
C PHE A 67 15.57 37.36 -23.07
N THR A 68 14.82 36.33 -22.67
CA THR A 68 14.52 36.10 -21.26
C THR A 68 15.18 34.86 -20.71
N GLY A 69 15.94 34.19 -21.59
CA GLY A 69 16.72 33.03 -21.20
C GLY A 69 15.98 31.70 -21.09
N VAL A 70 14.72 31.64 -21.48
CA VAL A 70 13.99 30.38 -21.36
C VAL A 70 12.84 30.44 -22.35
N ALA A 71 12.54 29.31 -22.99
CA ALA A 71 11.41 29.16 -23.92
C ALA A 71 10.11 29.21 -23.14
N PRO A 72 9.01 29.73 -23.72
CA PRO A 72 7.76 29.84 -22.93
C PRO A 72 7.26 28.42 -22.68
N SER A 73 6.60 28.20 -21.53
CA SER A 73 5.97 26.89 -21.24
C SER A 73 4.78 26.65 -22.17
N ALA A 74 4.32 25.39 -22.16
CA ALA A 74 3.27 25.06 -23.13
C ALA A 74 1.99 25.87 -22.91
N ALA A 75 1.63 26.01 -21.62
CA ALA A 75 0.51 26.85 -21.24
C ALA A 75 0.70 28.30 -21.74
N GLY A 76 1.92 28.82 -21.54
CA GLY A 76 2.33 30.13 -22.00
C GLY A 76 2.26 30.26 -23.52
N LEU A 77 2.76 29.25 -24.22
CA LEU A 77 2.76 29.27 -25.67
C LEU A 77 1.34 29.40 -26.17
N ASP A 78 0.43 28.63 -25.55
CA ASP A 78 -0.97 28.70 -25.91
C ASP A 78 -1.38 30.17 -26.01
N PHE A 79 -1.08 30.91 -24.96
CA PHE A 79 -1.46 32.30 -24.92
C PHE A 79 -0.81 33.13 -26.03
N LEU A 80 0.49 32.97 -26.29
CA LEU A 80 1.06 33.78 -27.38
C LEU A 80 0.64 33.32 -28.78
N VAL A 81 0.41 32.03 -29.03
CA VAL A 81 0.19 31.60 -30.40
C VAL A 81 -1.30 31.42 -30.69
N ASP A 82 -2.07 30.72 -29.84
CA ASP A 82 -3.47 30.40 -30.27
C ASP A 82 -4.39 30.32 -29.06
N SER A 83 -5.15 31.38 -28.76
CA SER A 83 -5.87 31.35 -27.51
C SER A 83 -7.20 32.05 -27.62
N THR A 84 -8.10 31.68 -26.71
CA THR A 84 -9.39 32.32 -26.52
C THR A 84 -9.25 33.68 -25.83
N THR A 85 -8.28 33.79 -24.90
CA THR A 85 -8.18 34.88 -23.92
C THR A 85 -7.45 36.10 -24.49
N ASN A 86 -6.31 35.89 -25.16
CA ASN A 86 -5.60 36.94 -25.90
C ASN A 86 -6.35 37.15 -27.21
N THR A 87 -7.03 38.30 -27.32
CA THR A 87 -7.84 38.55 -28.48
C THR A 87 -6.95 38.62 -29.71
N ASN A 88 -5.80 39.28 -29.59
CA ASN A 88 -4.81 39.39 -30.65
C ASN A 88 -3.59 38.53 -30.28
N ASP A 89 -3.26 37.54 -31.08
CA ASP A 89 -2.22 36.54 -30.80
C ASP A 89 -1.60 36.19 -32.15
N LEU A 90 -0.51 35.44 -32.18
CA LEU A 90 0.21 35.34 -33.43
C LEU A 90 -0.64 34.80 -34.57
N ASN A 91 -1.45 33.76 -34.33
CA ASN A 91 -2.24 33.20 -35.47
C ASN A 91 -3.65 33.82 -35.49
N ASP A 92 -3.75 35.13 -35.24
CA ASP A 92 -5.03 35.82 -35.25
C ASP A 92 -4.95 37.16 -35.99
N ALA A 93 -6.00 37.98 -35.88
CA ALA A 93 -6.34 39.06 -36.81
C ALA A 93 -5.27 40.15 -36.93
N TYR A 94 -4.83 40.67 -35.79
CA TYR A 94 -3.86 41.77 -35.73
C TYR A 94 -2.64 41.50 -36.63
N TYR A 95 -2.18 40.26 -36.70
CA TYR A 95 -0.85 39.97 -37.25
C TYR A 95 -0.94 39.44 -38.66
N SER A 96 -2.14 39.43 -39.24
CA SER A 96 -2.36 38.67 -40.46
C SER A 96 -1.75 39.37 -41.68
N LYS A 97 -1.17 40.57 -41.48
CA LYS A 97 -0.56 41.33 -42.56
C LYS A 97 0.94 41.56 -42.37
N PHE A 98 1.48 40.99 -41.30
CA PHE A 98 2.90 41.00 -41.03
C PHE A 98 3.51 39.75 -41.65
N ALA A 99 4.60 39.94 -42.41
CA ALA A 99 5.34 38.83 -43.00
C ALA A 99 6.07 38.02 -41.94
N GLN A 100 6.83 37.00 -42.35
CA GLN A 100 7.59 36.27 -41.35
C GLN A 100 8.56 37.24 -40.69
N GLU A 101 9.31 37.99 -41.51
CA GLU A 101 10.36 38.78 -40.93
C GLU A 101 9.82 39.78 -39.91
N ASN A 102 8.79 40.51 -40.30
CA ASN A 102 8.41 41.60 -39.42
C ASN A 102 7.73 41.05 -38.19
N ARG A 103 7.44 39.73 -38.16
CA ARG A 103 6.91 39.16 -36.93
C ARG A 103 8.06 39.02 -35.96
N PHE A 104 9.22 38.53 -36.41
CA PHE A 104 10.32 38.43 -35.47
C PHE A 104 10.72 39.81 -34.97
N ILE A 105 10.71 40.80 -35.86
CA ILE A 105 11.08 42.10 -35.38
C ILE A 105 10.11 42.63 -34.34
N ASN A 106 8.83 42.41 -34.59
CA ASN A 106 7.88 42.86 -33.60
C ASN A 106 8.17 42.20 -32.25
N PHE A 107 8.24 40.88 -32.21
CA PHE A 107 8.46 40.26 -30.93
C PHE A 107 9.72 40.77 -30.24
N SER A 108 10.82 40.87 -31.00
CA SER A 108 12.05 41.37 -30.39
C SER A 108 11.86 42.73 -29.75
N ILE A 109 11.35 43.67 -30.50
CA ILE A 109 11.23 44.95 -29.86
C ILE A 109 10.35 44.91 -28.61
N ASN A 110 9.25 44.16 -28.64
CA ASN A 110 8.42 44.09 -27.45
C ASN A 110 9.24 43.61 -26.26
N LEU A 111 9.84 42.42 -26.36
CA LEU A 111 10.47 41.82 -25.20
C LEU A 111 11.71 42.55 -24.78
N ALA A 112 12.34 43.31 -25.69
CA ALA A 112 13.65 43.88 -25.38
C ALA A 112 13.58 45.29 -24.80
N THR A 113 12.88 46.23 -25.44
CA THR A 113 13.16 47.62 -25.10
C THR A 113 12.01 48.26 -24.34
N GLY A 114 10.96 47.50 -24.05
CA GLY A 114 9.82 48.22 -23.53
C GLY A 114 9.71 48.25 -22.00
N ALA A 115 8.52 47.85 -21.52
CA ALA A 115 8.29 47.32 -20.18
C ALA A 115 8.30 45.78 -20.24
N GLY A 116 8.85 45.20 -21.33
CA GLY A 116 8.90 43.77 -21.60
C GLY A 116 9.85 43.05 -20.64
N ALA A 117 9.80 41.72 -20.58
CA ALA A 117 10.49 41.08 -19.47
C ALA A 117 12.00 41.21 -19.61
N GLY A 118 12.50 41.49 -20.81
CA GLY A 118 13.93 41.49 -20.99
C GLY A 118 14.57 42.88 -20.91
N ALA A 119 13.78 43.94 -20.64
CA ALA A 119 14.27 45.29 -20.88
C ALA A 119 15.48 45.57 -20.01
N THR A 120 15.34 45.22 -18.74
CA THR A 120 16.31 45.65 -17.76
C THR A 120 17.66 44.97 -18.00
N ALA A 121 17.63 43.70 -18.44
CA ALA A 121 18.82 42.89 -18.62
C ALA A 121 19.51 43.22 -19.95
N PHE A 122 18.69 43.31 -21.00
CA PHE A 122 19.21 43.64 -22.33
C PHE A 122 19.70 45.09 -22.36
N ALA A 123 19.16 45.93 -21.50
CA ALA A 123 19.57 47.33 -21.49
C ALA A 123 20.96 47.48 -20.89
N ALA A 124 21.27 46.63 -19.92
CA ALA A 124 22.55 46.73 -19.24
C ALA A 124 23.64 46.00 -20.02
N ALA A 125 23.22 45.02 -20.82
CA ALA A 125 24.18 44.16 -21.46
C ALA A 125 24.67 44.78 -22.76
N TYR A 126 23.79 45.52 -23.46
CA TYR A 126 24.19 46.00 -24.77
C TYR A 126 24.27 47.51 -24.79
N THR A 127 24.69 48.12 -23.69
CA THR A 127 24.79 49.58 -23.74
C THR A 127 26.24 49.97 -23.95
N GLY A 128 26.51 50.71 -25.01
CA GLY A 128 27.86 51.23 -25.19
C GLY A 128 28.74 50.23 -25.93
N VAL A 129 28.05 49.49 -26.77
CA VAL A 129 28.71 48.64 -27.72
C VAL A 129 28.21 49.08 -29.11
N SER A 130 29.00 48.87 -30.14
CA SER A 130 28.68 49.46 -31.43
C SER A 130 27.81 48.52 -32.26
N TYR A 131 27.29 49.04 -33.36
CA TYR A 131 26.52 48.23 -34.28
C TYR A 131 27.30 47.00 -34.75
N ALA A 132 28.53 47.24 -35.18
CA ALA A 132 29.28 46.12 -35.70
C ALA A 132 29.40 44.98 -34.66
N GLN A 133 29.79 45.34 -33.43
CA GLN A 133 30.03 44.31 -32.45
C GLN A 133 28.72 43.60 -32.10
N THR A 134 27.65 44.38 -31.96
CA THR A 134 26.28 43.84 -31.71
C THR A 134 25.97 42.73 -32.70
N VAL A 135 26.15 43.00 -34.01
CA VAL A 135 25.85 42.00 -34.99
C VAL A 135 26.82 40.81 -34.91
N ALA A 136 28.14 41.05 -34.85
CA ALA A 136 29.05 39.90 -34.89
C ALA A 136 28.86 38.93 -33.73
N THR A 137 28.77 39.45 -32.51
CA THR A 137 28.57 38.60 -31.34
C THR A 137 27.26 37.84 -31.37
N ALA A 138 26.20 38.50 -31.81
CA ALA A 138 24.93 37.83 -31.90
C ALA A 138 24.97 36.76 -33.00
N TYR A 139 25.59 37.04 -34.15
CA TYR A 139 25.67 35.97 -35.11
C TYR A 139 26.38 34.80 -34.45
N ASP A 140 27.40 35.04 -33.64
CA ASP A 140 28.08 33.86 -33.02
C ASP A 140 27.16 33.05 -32.11
N LYS A 141 26.40 33.69 -31.21
CA LYS A 141 25.57 32.94 -30.24
C LYS A 141 24.49 32.16 -30.96
N ILE A 142 23.85 32.75 -31.96
CA ILE A 142 22.70 32.08 -32.63
C ILE A 142 23.22 31.03 -33.60
N ILE A 143 24.00 31.43 -34.61
CA ILE A 143 24.22 30.58 -35.75
C ILE A 143 25.52 29.82 -35.63
N GLY A 144 26.28 30.01 -34.55
CA GLY A 144 27.57 29.37 -34.46
C GLY A 144 28.57 30.05 -35.39
N ASN A 145 29.85 30.01 -35.04
CA ASN A 145 30.75 30.61 -36.00
C ASN A 145 31.51 29.52 -36.73
N ALA A 146 31.92 28.54 -35.94
CA ALA A 146 32.52 27.30 -36.42
C ALA A 146 31.52 26.57 -37.31
N VAL A 147 30.30 26.40 -36.81
CA VAL A 147 29.27 25.62 -37.48
C VAL A 147 28.99 26.22 -38.85
N ALA A 148 28.82 27.53 -38.91
CA ALA A 148 28.47 28.17 -40.17
C ALA A 148 29.54 27.92 -41.24
N THR A 149 30.83 28.01 -40.86
CA THR A 149 31.95 27.90 -41.80
C THR A 149 32.00 26.48 -42.38
N ALA A 150 31.81 25.47 -41.51
CA ALA A 150 31.75 24.07 -41.91
C ALA A 150 30.54 23.82 -42.82
N ALA A 151 29.39 24.44 -42.49
CA ALA A 151 28.21 24.36 -43.34
C ALA A 151 28.49 25.05 -44.67
N GLY A 152 29.55 25.87 -44.72
CA GLY A 152 30.03 26.41 -45.98
C GLY A 152 29.53 27.82 -46.32
N VAL A 153 28.58 28.35 -45.55
CA VAL A 153 28.26 29.77 -45.66
C VAL A 153 29.46 30.58 -45.14
N ASP A 154 29.87 31.62 -45.86
CA ASP A 154 31.01 32.46 -45.46
C ASP A 154 30.58 33.48 -44.41
N VAL A 155 31.18 33.44 -43.21
CA VAL A 155 30.67 34.27 -42.14
C VAL A 155 30.89 35.76 -42.40
N ALA A 156 32.09 36.09 -42.89
CA ALA A 156 32.45 37.50 -42.95
C ALA A 156 31.59 38.27 -43.95
N ALA A 157 31.19 37.64 -45.07
CA ALA A 157 30.38 38.32 -46.07
C ALA A 157 29.00 38.64 -45.49
N ALA A 158 28.53 37.73 -44.62
CA ALA A 158 27.23 37.84 -44.01
C ALA A 158 27.22 38.92 -42.93
N VAL A 159 28.23 38.92 -42.06
CA VAL A 159 28.17 39.86 -40.94
C VAL A 159 28.29 41.28 -41.46
N ALA A 160 29.17 41.46 -42.44
CA ALA A 160 29.36 42.77 -43.04
C ALA A 160 28.06 43.26 -43.66
N PHE A 161 27.37 42.37 -44.38
CA PHE A 161 26.11 42.75 -44.99
C PHE A 161 25.14 43.26 -43.92
N LEU A 162 25.00 42.56 -42.79
CA LEU A 162 24.00 42.98 -41.82
C LEU A 162 24.34 44.33 -41.20
N SER A 163 25.62 44.70 -41.20
CA SER A 163 26.02 45.90 -40.45
C SER A 163 26.34 47.09 -41.36
N ARG A 164 26.24 46.92 -42.69
CA ARG A 164 26.48 47.98 -43.68
C ARG A 164 25.54 49.15 -43.40
N GLN A 165 25.92 50.34 -43.85
CA GLN A 165 25.30 51.56 -43.34
C GLN A 165 23.87 51.75 -43.82
N ALA A 166 23.61 51.29 -45.04
CA ALA A 166 22.30 51.28 -45.70
C ALA A 166 21.24 50.58 -44.83
N ASN A 167 21.64 49.41 -44.33
CA ASN A 167 20.83 48.56 -43.48
C ASN A 167 20.46 49.30 -42.18
N ILE A 168 21.44 49.88 -41.52
CA ILE A 168 21.19 50.59 -40.27
C ILE A 168 20.29 51.81 -40.49
N ASP A 169 20.44 52.43 -41.65
CA ASP A 169 19.60 53.63 -41.94
C ASP A 169 18.15 53.16 -42.10
N TYR A 170 17.94 52.01 -42.73
CA TYR A 170 16.55 51.55 -42.97
C TYR A 170 15.88 51.29 -41.63
N LEU A 171 16.60 50.66 -40.70
CA LEU A 171 15.97 50.30 -39.41
C LEU A 171 15.77 51.57 -38.60
N THR A 172 16.70 52.53 -38.69
CA THR A 172 16.54 53.69 -37.86
C THR A 172 15.19 54.35 -38.15
N ALA A 173 14.93 54.51 -39.44
CA ALA A 173 13.70 55.12 -39.90
C ALA A 173 12.50 54.28 -39.48
N PHE A 174 12.68 52.97 -39.62
CA PHE A 174 11.68 51.99 -39.26
C PHE A 174 11.25 52.16 -37.81
N VAL A 175 12.23 52.19 -36.91
CA VAL A 175 11.96 52.17 -35.49
C VAL A 175 11.40 53.52 -35.13
N ARG A 176 11.92 54.56 -35.79
CA ARG A 176 11.52 55.91 -35.44
C ARG A 176 10.03 56.11 -35.75
N ALA A 177 9.60 55.60 -36.92
CA ALA A 177 8.22 55.71 -37.37
C ALA A 177 7.24 54.88 -36.51
N ASN A 178 7.64 53.66 -36.17
CA ASN A 178 6.73 52.63 -35.68
C ASN A 178 6.60 52.63 -34.17
N THR A 179 7.72 52.53 -33.48
CA THR A 179 7.68 52.53 -32.04
C THR A 179 7.51 53.96 -31.51
N PRO A 180 6.82 54.14 -30.35
CA PRO A 180 6.86 55.39 -29.57
C PRO A 180 8.12 55.65 -28.74
N PHE A 181 9.26 55.77 -29.44
CA PHE A 181 10.49 56.24 -28.83
C PHE A 181 10.97 57.49 -29.55
N THR A 182 11.41 58.46 -28.74
CA THR A 182 11.93 59.71 -29.28
C THR A 182 13.30 60.08 -28.72
N ALA A 183 13.68 59.52 -27.56
CA ALA A 183 14.99 59.71 -26.94
C ALA A 183 16.07 59.07 -27.83
N ALA A 184 17.32 59.55 -27.75
CA ALA A 184 18.31 59.14 -28.73
C ALA A 184 18.98 57.83 -28.32
N ALA A 185 18.86 57.48 -27.03
CA ALA A 185 19.42 56.29 -26.37
C ALA A 185 18.57 55.06 -26.70
N ASP A 186 17.26 55.27 -26.63
CA ASP A 186 16.28 54.21 -26.72
C ASP A 186 16.13 53.77 -28.17
N ILE A 187 16.31 54.70 -29.08
CA ILE A 187 16.28 54.34 -30.48
C ILE A 187 17.49 53.50 -30.84
N ASP A 188 18.66 53.91 -30.34
CA ASP A 188 19.90 53.17 -30.54
C ASP A 188 19.72 51.77 -29.99
N LEU A 189 19.04 51.66 -28.85
CA LEU A 189 18.92 50.38 -28.19
C LEU A 189 17.90 49.49 -28.90
N ALA A 190 16.93 50.08 -29.59
CA ALA A 190 15.88 49.30 -30.23
C ALA A 190 16.36 48.83 -31.56
N VAL A 191 17.31 49.57 -32.13
CA VAL A 191 17.93 49.19 -33.45
C VAL A 191 18.65 47.85 -33.26
N LYS A 192 19.39 47.71 -32.16
CA LYS A 192 20.11 46.43 -31.87
C LYS A 192 19.08 45.31 -31.72
N ALA A 193 17.96 45.59 -31.05
CA ALA A 193 16.90 44.57 -30.89
C ALA A 193 16.39 44.12 -32.26
N ALA A 194 16.22 45.07 -33.18
CA ALA A 194 15.74 44.74 -34.51
C ALA A 194 16.77 43.96 -35.31
N LEU A 195 18.05 44.26 -35.10
CA LEU A 195 19.05 43.48 -35.79
C LEU A 195 19.07 42.02 -35.35
N ILE A 196 18.98 41.80 -34.04
CA ILE A 196 19.14 40.44 -33.59
C ILE A 196 17.82 39.72 -33.70
N GLY A 197 16.81 40.44 -34.19
CA GLY A 197 15.58 39.82 -34.67
C GLY A 197 15.80 39.28 -36.07
N THR A 198 16.47 40.12 -36.83
CA THR A 198 16.73 39.82 -38.22
C THR A 198 17.62 38.58 -38.32
N ILE A 199 18.51 38.47 -37.35
CA ILE A 199 19.41 37.35 -37.38
C ILE A 199 18.67 36.08 -37.00
N LEU A 200 17.67 36.17 -36.11
CA LEU A 200 16.93 34.98 -35.74
C LEU A 200 16.12 34.46 -36.90
N ASN A 201 15.55 35.38 -37.68
CA ASN A 201 14.84 34.99 -38.87
C ASN A 201 15.80 34.33 -39.83
N ALA A 202 16.98 34.91 -39.96
CA ALA A 202 17.84 34.37 -41.00
C ALA A 202 18.31 32.97 -40.58
N ALA A 203 18.19 32.69 -39.29
CA ALA A 203 18.69 31.42 -38.79
C ALA A 203 17.63 30.38 -39.01
N THR A 204 16.40 30.71 -38.67
CA THR A 204 15.38 29.70 -38.65
C THR A 204 14.93 29.37 -40.06
N VAL A 205 15.39 30.11 -41.05
CA VAL A 205 14.95 29.90 -42.42
C VAL A 205 15.92 28.96 -43.16
N SER A 206 17.16 28.85 -42.67
CA SER A 206 18.20 28.06 -43.28
C SER A 206 18.41 26.73 -42.52
N GLY A 207 18.05 26.69 -41.23
CA GLY A 207 18.15 25.45 -40.46
C GLY A 207 19.55 25.17 -39.87
N ILE A 208 20.54 26.01 -40.22
CA ILE A 208 21.83 25.98 -39.55
C ILE A 208 21.73 26.71 -38.21
N GLY A 209 22.66 26.38 -37.26
CA GLY A 209 22.80 27.12 -35.99
C GLY A 209 22.09 26.38 -34.85
N GLY A 210 22.55 26.65 -33.62
CA GLY A 210 22.06 25.93 -32.45
C GLY A 210 20.60 26.25 -32.10
N TYR A 211 20.23 27.55 -32.19
CA TYR A 211 18.89 27.98 -31.87
C TYR A 211 17.87 27.28 -32.77
N ALA A 212 18.17 27.28 -34.08
CA ALA A 212 17.24 26.65 -35.01
C ALA A 212 17.09 25.14 -34.79
N THR A 213 18.19 24.44 -34.55
CA THR A 213 18.15 23.00 -34.38
C THR A 213 17.40 22.58 -33.10
N ALA A 214 17.53 23.34 -32.02
CA ALA A 214 16.87 23.01 -30.76
C ALA A 214 15.39 23.30 -30.88
N THR A 215 15.02 24.42 -31.50
CA THR A 215 13.64 24.84 -31.54
C THR A 215 12.83 23.88 -32.42
N ALA A 216 13.53 23.34 -33.42
CA ALA A 216 12.95 22.36 -34.31
C ALA A 216 12.54 21.12 -33.51
N ALA A 217 13.42 20.67 -32.63
CA ALA A 217 13.14 19.49 -31.82
C ALA A 217 12.08 19.77 -30.77
N MET A 218 11.99 21.00 -30.30
CA MET A 218 10.91 21.25 -29.39
C MET A 218 9.57 21.31 -30.10
N ILE A 219 9.47 21.77 -31.34
CA ILE A 219 8.19 21.74 -32.03
C ILE A 219 7.85 20.30 -32.41
N ASN A 220 8.84 19.46 -32.68
CA ASN A 220 8.51 18.08 -33.00
C ASN A 220 7.92 17.40 -31.76
N ASP A 221 8.39 17.75 -30.56
CA ASP A 221 7.89 17.19 -29.33
C ASP A 221 6.48 17.70 -29.01
N LEU A 222 6.22 18.94 -29.37
CA LEU A 222 4.95 19.59 -29.17
C LEU A 222 3.91 19.07 -30.18
N SER A 223 4.38 18.34 -31.22
CA SER A 223 3.58 17.85 -32.33
C SER A 223 2.50 16.84 -31.92
N ASP A 224 2.88 15.90 -31.06
CA ASP A 224 2.07 14.74 -30.77
C ASP A 224 1.06 15.03 -29.64
N GLY A 225 0.92 16.30 -29.23
CA GLY A 225 -0.11 16.65 -28.27
C GLY A 225 0.43 17.07 -26.91
N ALA A 226 1.54 16.47 -26.45
CA ALA A 226 2.04 16.78 -25.12
C ALA A 226 3.53 17.09 -25.07
N LEU A 227 3.86 18.06 -24.23
CA LEU A 227 5.25 18.50 -24.14
C LEU A 227 5.89 17.77 -22.97
N SER A 228 6.95 17.00 -23.27
CA SER A 228 7.56 16.11 -22.29
C SER A 228 8.20 16.90 -21.15
N THR A 229 8.95 17.97 -21.46
CA THR A 229 9.58 18.74 -20.39
C THR A 229 8.57 19.55 -19.58
N ASP A 230 7.79 20.40 -20.26
CA ASP A 230 6.73 21.20 -19.66
C ASP A 230 6.99 21.65 -18.20
N ASN A 231 8.14 22.29 -17.92
CA ASN A 231 8.25 22.91 -16.59
C ASN A 231 7.27 24.10 -16.52
N ALA A 232 6.70 24.31 -15.32
CA ALA A 232 5.66 25.31 -15.15
C ALA A 232 6.15 26.75 -15.39
N ALA A 233 7.37 27.10 -14.98
CA ALA A 233 7.89 28.44 -15.15
C ALA A 233 8.96 28.50 -16.26
N GLY A 234 8.75 27.67 -17.28
CA GLY A 234 9.51 27.77 -18.55
C GLY A 234 10.51 26.65 -18.70
N VAL A 235 10.83 26.29 -19.95
CA VAL A 235 11.83 25.21 -20.21
C VAL A 235 13.04 25.81 -20.92
N ASN A 236 14.24 25.59 -20.38
CA ASN A 236 15.47 26.09 -21.06
C ASN A 236 15.82 25.12 -22.19
N LEU A 237 15.65 25.58 -23.45
CA LEU A 237 15.81 24.71 -24.59
C LEU A 237 17.07 23.87 -24.51
N PHE A 238 18.17 24.52 -24.16
CA PHE A 238 19.45 23.89 -24.38
C PHE A 238 19.70 22.73 -23.45
N THR A 239 19.18 22.85 -22.22
CA THR A 239 19.13 21.77 -21.23
C THR A 239 18.31 20.58 -21.72
N ALA A 240 17.04 20.83 -22.06
CA ALA A 240 16.09 19.76 -22.28
C ALA A 240 16.30 19.00 -23.60
N TYR A 241 16.76 19.64 -24.67
CA TYR A 241 16.84 18.97 -25.96
C TYR A 241 18.29 18.98 -26.50
N PRO A 242 19.18 18.07 -26.00
CA PRO A 242 20.68 18.06 -26.21
C PRO A 242 21.09 17.78 -27.66
N SER A 243 22.13 18.46 -28.16
CA SER A 243 22.61 18.13 -29.52
C SER A 243 23.77 17.13 -29.42
N SER A 244 24.90 17.56 -28.87
CA SER A 244 26.04 16.63 -28.67
C SER A 244 26.39 15.94 -29.99
N GLY A 245 26.46 16.70 -31.08
CA GLY A 245 26.73 16.11 -32.40
C GLY A 245 28.08 15.40 -32.42
N VAL A 246 29.09 16.00 -31.78
CA VAL A 246 30.42 15.34 -31.67
C VAL A 246 30.25 14.09 -30.80
N SER A 247 30.85 12.97 -31.19
CA SER A 247 30.77 11.71 -30.40
C SER A 247 32.15 11.04 -30.42
N GLY A 248 33.18 11.84 -30.74
CA GLY A 248 34.56 11.40 -31.04
C GLY A 248 34.61 10.24 -32.01
N SER A 249 35.76 9.57 -32.12
CA SER A 249 35.94 8.47 -33.11
C SER A 249 35.95 7.01 -32.53
N THR A 250 35.60 6.03 -33.36
CA THR A 250 35.37 4.66 -32.85
C THR A 250 36.40 3.62 -33.38
N LEU A 251 37.22 3.03 -32.49
CA LEU A 251 38.41 2.25 -32.91
C LEU A 251 38.36 0.76 -32.61
N SER A 252 38.60 -0.07 -33.62
CA SER A 252 38.47 -1.52 -33.51
C SER A 252 39.76 -2.31 -33.36
N LEU A 253 39.88 -3.08 -32.29
CA LEU A 253 41.01 -4.01 -32.11
C LEU A 253 40.89 -5.21 -33.03
N THR A 254 42.04 -5.75 -33.47
CA THR A 254 42.09 -6.96 -34.37
C THR A 254 42.80 -8.12 -33.67
N THR A 255 42.85 -9.28 -34.30
CA THR A 255 43.57 -10.39 -33.66
C THR A 255 45.10 -10.16 -33.67
N GLY A 256 45.56 -9.00 -34.16
CA GLY A 256 46.98 -8.65 -34.16
C GLY A 256 47.53 -7.82 -32.99
N THR A 257 48.58 -7.05 -33.26
CA THR A 257 49.07 -6.06 -32.30
C THR A 257 48.62 -4.69 -32.76
N ASP A 258 47.78 -4.07 -31.95
CA ASP A 258 47.15 -2.80 -32.33
C ASP A 258 47.79 -1.64 -31.62
N THR A 259 47.92 -0.54 -32.37
CA THR A 259 48.43 0.70 -31.80
C THR A 259 47.42 1.81 -32.05
N LEU A 260 46.51 1.99 -31.09
CA LEU A 260 45.36 2.85 -31.29
C LEU A 260 45.41 4.07 -30.38
N THR A 261 45.12 5.22 -30.98
CA THR A 261 45.27 6.51 -30.32
C THR A 261 44.03 7.39 -30.56
N GLY A 262 43.38 7.79 -29.47
CA GLY A 262 42.13 8.55 -29.53
C GLY A 262 42.19 9.96 -30.02
N THR A 263 41.05 10.64 -30.12
CA THR A 263 41.01 12.00 -30.66
C THR A 263 41.20 13.09 -29.63
N ALA A 264 41.30 12.73 -28.34
CA ALA A 264 41.18 13.71 -27.24
C ALA A 264 39.73 14.24 -27.21
N ASN A 265 38.79 13.31 -27.20
CA ASN A 265 37.37 13.54 -27.35
C ASN A 265 36.58 12.26 -26.97
N ASN A 266 35.26 12.24 -27.24
CA ASN A 266 34.32 11.15 -26.88
C ASN A 266 34.58 9.76 -27.50
N ASP A 267 35.82 9.34 -27.57
CA ASP A 267 36.10 8.13 -28.38
C ASP A 267 36.01 6.78 -27.63
N THR A 268 35.65 5.75 -28.41
CA THR A 268 35.26 4.45 -27.87
C THR A 268 36.07 3.34 -28.58
N PHE A 269 36.53 2.37 -27.81
CA PHE A 269 37.49 1.35 -28.27
C PHE A 269 36.85 -0.01 -28.20
N VAL A 270 36.77 -0.74 -29.32
CA VAL A 270 36.07 -2.03 -29.34
C VAL A 270 37.00 -3.23 -29.37
N ALA A 271 36.91 -4.07 -28.37
CA ALA A 271 37.76 -5.24 -28.29
C ALA A 271 36.96 -6.53 -28.30
N GLY A 272 36.26 -6.71 -29.41
CA GLY A 272 35.43 -7.93 -29.59
C GLY A 272 36.17 -9.21 -29.99
N GLU A 273 35.50 -10.06 -30.75
CA GLU A 273 36.07 -11.28 -31.30
C GLU A 273 36.16 -11.22 -32.80
N VAL A 274 37.06 -12.02 -33.39
CA VAL A 274 37.07 -12.12 -34.86
C VAL A 274 36.60 -13.45 -35.40
N ALA A 275 37.23 -14.56 -35.07
CA ALA A 275 36.57 -15.78 -35.54
C ALA A 275 36.28 -16.57 -34.30
N GLY A 276 35.85 -15.86 -33.29
CA GLY A 276 35.84 -16.39 -31.96
C GLY A 276 37.25 -16.39 -31.40
N ALA A 277 38.11 -15.53 -31.95
CA ALA A 277 39.44 -15.31 -31.43
C ALA A 277 39.44 -13.92 -30.84
N ALA A 278 40.02 -13.80 -29.63
CA ALA A 278 40.04 -12.53 -28.87
C ALA A 278 40.76 -11.43 -29.64
N THR A 279 40.32 -10.18 -29.46
CA THR A 279 41.09 -9.06 -30.09
C THR A 279 41.95 -8.20 -29.15
N LEU A 280 41.80 -8.41 -27.84
CA LEU A 280 42.79 -7.89 -26.93
C LEU A 280 43.87 -8.98 -26.80
N THR A 281 45.04 -8.66 -27.32
CA THR A 281 46.10 -9.64 -27.56
C THR A 281 47.46 -9.03 -27.28
N VAL A 282 48.49 -9.86 -27.30
CA VAL A 282 49.83 -9.47 -26.92
C VAL A 282 50.32 -8.19 -27.62
N GLY A 283 50.84 -7.24 -26.82
CA GLY A 283 51.43 -6.02 -27.33
C GLY A 283 50.49 -4.87 -27.67
N ASP A 284 49.18 -5.15 -27.68
CA ASP A 284 48.16 -4.13 -27.91
C ASP A 284 48.42 -2.88 -27.03
N THR A 285 48.58 -1.72 -27.66
CA THR A 285 48.67 -0.52 -26.82
C THR A 285 47.61 0.51 -27.21
N LEU A 286 46.84 0.92 -26.21
CA LEU A 286 45.71 1.84 -26.41
C LEU A 286 45.91 3.13 -25.63
N SER A 287 45.51 4.23 -26.29
CA SER A 287 45.76 5.56 -25.79
C SER A 287 44.53 6.45 -26.02
N GLY A 288 44.05 7.12 -24.96
CA GLY A 288 42.83 7.91 -24.99
C GLY A 288 42.77 9.37 -25.43
N GLY A 289 43.52 10.27 -24.77
CA GLY A 289 43.35 11.76 -24.95
C GLY A 289 42.35 12.33 -23.93
N ALA A 290 41.41 13.15 -24.37
CA ALA A 290 40.37 13.75 -23.47
C ALA A 290 39.31 12.78 -22.85
N GLY A 291 38.57 13.25 -21.86
CA GLY A 291 37.80 12.45 -20.91
C GLY A 291 36.39 11.92 -21.21
N THR A 292 36.21 11.38 -22.41
CA THR A 292 34.99 10.64 -22.68
C THR A 292 35.40 9.29 -23.31
N ASP A 293 36.37 8.64 -22.68
CA ASP A 293 36.97 7.40 -23.25
C ASP A 293 36.54 6.05 -22.67
N VAL A 294 36.10 5.18 -23.56
CA VAL A 294 35.47 3.91 -23.25
C VAL A 294 36.20 2.77 -23.95
N LEU A 295 36.48 1.69 -23.21
CA LEU A 295 36.96 0.43 -23.80
C LEU A 295 35.95 -0.67 -23.55
N ASN A 296 35.42 -1.28 -24.61
CA ASN A 296 34.47 -2.39 -24.51
C ASN A 296 35.15 -3.68 -24.91
N TRP A 297 35.37 -4.52 -23.92
CA TRP A 297 36.05 -5.78 -24.14
C TRP A 297 35.02 -6.88 -23.96
N VAL A 298 34.78 -7.63 -25.04
CA VAL A 298 33.71 -8.68 -25.16
C VAL A 298 34.28 -9.95 -25.80
N GLN A 299 34.07 -11.09 -25.16
CA GLN A 299 34.78 -12.34 -25.47
C GLN A 299 33.88 -13.48 -25.09
N ALA A 300 33.80 -14.50 -25.91
CA ALA A 300 33.16 -15.76 -25.52
C ALA A 300 33.99 -16.40 -24.45
N ALA A 301 35.30 -16.38 -24.61
CA ALA A 301 36.23 -17.07 -23.73
C ALA A 301 36.33 -16.35 -22.38
N ALA A 302 36.69 -17.11 -21.34
CA ALA A 302 36.89 -16.56 -19.99
C ALA A 302 37.96 -15.48 -20.01
N VAL A 303 37.72 -14.36 -19.32
CA VAL A 303 38.79 -13.36 -19.07
C VAL A 303 39.62 -13.86 -17.92
N THR A 304 40.92 -13.75 -18.14
CA THR A 304 41.91 -14.52 -17.49
C THR A 304 42.94 -13.60 -16.79
N ALA A 305 43.31 -12.51 -17.45
CA ALA A 305 44.43 -11.62 -17.11
C ALA A 305 44.61 -10.66 -18.30
N LEU A 306 45.41 -9.64 -18.10
CA LEU A 306 45.68 -8.68 -19.16
C LEU A 306 46.76 -9.33 -19.99
N PRO A 307 46.71 -9.30 -21.34
CA PRO A 307 47.80 -10.06 -22.03
C PRO A 307 49.16 -9.34 -22.08
N THR A 308 50.24 -10.11 -22.27
CA THR A 308 51.63 -9.61 -22.25
C THR A 308 51.83 -8.38 -23.09
N GLY A 309 52.45 -7.34 -22.51
CA GLY A 309 52.80 -6.12 -23.24
C GLY A 309 51.66 -5.15 -23.51
N VAL A 310 50.45 -5.56 -23.11
CA VAL A 310 49.27 -4.71 -23.22
C VAL A 310 49.44 -3.55 -22.25
N THR A 311 49.17 -2.34 -22.76
CA THR A 311 49.05 -1.14 -21.87
C THR A 311 47.84 -0.34 -22.32
N ILE A 312 46.87 -0.17 -21.42
CA ILE A 312 45.74 0.71 -21.62
C ILE A 312 46.05 1.98 -20.83
N SER A 313 45.80 3.12 -21.49
CA SER A 313 46.17 4.38 -20.88
C SER A 313 45.30 5.51 -21.41
N GLY A 314 44.89 6.41 -20.52
CA GLY A 314 44.06 7.55 -20.88
C GLY A 314 42.61 7.15 -21.13
N ILE A 315 42.23 5.95 -20.70
CA ILE A 315 40.87 5.48 -20.91
C ILE A 315 40.14 5.34 -19.55
N GLU A 316 39.01 6.03 -19.46
CA GLU A 316 38.29 6.25 -18.21
C GLU A 316 37.36 5.13 -17.78
N THR A 317 36.65 4.54 -18.74
CA THR A 317 35.69 3.45 -18.49
C THR A 317 36.15 2.16 -19.21
N MET A 318 36.27 1.08 -18.44
CA MET A 318 36.50 -0.27 -19.00
C MET A 318 35.32 -1.23 -18.75
N ASN A 319 34.66 -1.67 -19.82
CA ASN A 319 33.59 -2.69 -19.76
C ASN A 319 34.10 -4.05 -20.21
N VAL A 320 34.00 -5.03 -19.33
CA VAL A 320 34.49 -6.40 -19.59
C VAL A 320 33.36 -7.44 -19.50
N THR A 321 33.02 -8.07 -20.62
CA THR A 321 31.94 -9.03 -20.71
C THR A 321 32.44 -10.39 -21.25
N SER A 322 32.12 -11.46 -20.53
CA SER A 322 32.59 -12.80 -20.88
C SER A 322 31.49 -13.86 -20.86
N GLY A 323 31.54 -14.76 -21.84
CA GLY A 323 30.68 -15.93 -21.87
C GLY A 323 31.01 -16.93 -20.76
N ALA A 324 32.21 -16.83 -20.19
CA ALA A 324 32.66 -17.62 -19.05
C ALA A 324 33.13 -16.69 -17.91
N ALA A 325 34.06 -17.16 -17.04
CA ALA A 325 34.50 -16.45 -15.83
C ALA A 325 35.26 -15.14 -16.13
N ILE A 326 35.32 -14.25 -15.14
CA ILE A 326 36.27 -13.14 -15.22
C ILE A 326 37.22 -13.21 -14.04
N THR A 327 38.50 -13.08 -14.37
CA THR A 327 39.51 -12.86 -13.37
C THR A 327 40.34 -11.73 -13.94
N LEU A 328 40.25 -10.55 -13.36
CA LEU A 328 41.29 -9.57 -13.69
C LEU A 328 41.65 -8.71 -12.52
N ASN A 329 42.87 -8.18 -12.55
CA ASN A 329 43.36 -7.23 -11.57
C ASN A 329 43.69 -5.97 -12.35
N THR A 330 43.25 -4.82 -11.87
CA THR A 330 43.54 -3.62 -12.63
C THR A 330 44.24 -2.56 -11.81
N SER A 331 44.92 -2.94 -10.74
CA SER A 331 45.77 -2.00 -9.99
C SER A 331 47.10 -1.64 -10.77
N SER A 332 47.38 -2.28 -11.90
CA SER A 332 48.43 -1.88 -12.82
C SER A 332 48.19 -2.27 -14.28
N GLY A 333 49.02 -1.72 -15.17
CA GLY A 333 48.83 -1.89 -16.61
C GLY A 333 47.84 -0.86 -17.16
N VAL A 334 46.83 -0.64 -16.35
CA VAL A 334 45.81 0.36 -16.70
C VAL A 334 46.07 1.55 -15.82
N THR A 335 46.08 2.71 -16.48
CA THR A 335 46.30 4.02 -15.84
C THR A 335 45.27 5.02 -16.38
N GLY A 336 44.71 5.80 -15.46
CA GLY A 336 43.72 6.83 -15.83
C GLY A 336 42.28 6.34 -15.70
N LEU A 337 42.13 5.12 -15.19
CA LEU A 337 40.83 4.45 -15.19
C LEU A 337 39.94 4.80 -13.96
N THR A 338 38.85 5.52 -14.22
CA THR A 338 37.88 5.96 -13.18
C THR A 338 36.78 4.90 -12.92
N ALA A 339 36.46 4.08 -13.93
CA ALA A 339 35.34 3.13 -13.85
C ALA A 339 35.60 1.74 -14.50
N LEU A 340 35.52 0.67 -13.69
CA LEU A 340 35.60 -0.70 -14.20
C LEU A 340 34.29 -1.47 -14.00
N ASN A 341 33.71 -1.96 -15.09
CA ASN A 341 32.45 -2.74 -15.07
C ASN A 341 32.65 -4.11 -15.63
N THR A 342 32.42 -5.13 -14.81
CA THR A 342 32.61 -6.51 -15.25
C THR A 342 31.34 -7.35 -15.19
N ASN A 343 31.14 -8.14 -16.24
CA ASN A 343 29.84 -8.76 -16.55
C ASN A 343 29.95 -10.25 -16.88
N THR A 344 29.35 -11.09 -16.03
CA THR A 344 29.27 -12.53 -16.28
C THR A 344 27.84 -12.92 -16.40
N SER A 345 27.62 -14.08 -17.01
CA SER A 345 26.33 -14.71 -16.99
C SER A 345 26.58 -16.20 -16.79
N GLY A 346 26.49 -16.67 -15.56
CA GLY A 346 26.57 -18.08 -15.31
C GLY A 346 27.97 -18.61 -15.04
N ALA A 347 28.89 -17.74 -14.67
CA ALA A 347 30.21 -18.19 -14.17
C ALA A 347 30.78 -17.23 -13.11
N ALA A 348 31.89 -17.65 -12.48
CA ALA A 348 32.53 -16.89 -11.41
C ALA A 348 33.02 -15.47 -11.78
N GLN A 349 33.37 -14.71 -10.75
CA GLN A 349 34.06 -13.44 -10.95
C GLN A 349 35.09 -13.33 -9.83
N THR A 350 36.29 -12.87 -10.21
CA THR A 350 37.33 -12.62 -9.22
C THR A 350 38.08 -11.36 -9.64
N VAL A 351 37.63 -10.22 -9.15
CA VAL A 351 38.12 -8.94 -9.65
C VAL A 351 38.77 -8.14 -8.55
N THR A 352 39.83 -7.42 -8.89
CA THR A 352 40.52 -6.47 -8.00
C THR A 352 40.74 -5.17 -8.80
N ALA A 353 40.24 -4.06 -8.28
CA ALA A 353 40.42 -2.76 -8.93
C ALA A 353 41.40 -1.93 -8.14
N GLY A 354 42.05 -0.97 -8.80
CA GLY A 354 42.91 0.01 -8.10
C GLY A 354 41.96 0.97 -7.39
N ALA A 355 42.37 1.51 -6.24
CA ALA A 355 41.64 2.64 -5.66
C ALA A 355 41.59 3.72 -6.76
N GLY A 356 40.67 4.67 -6.61
CA GLY A 356 40.43 5.63 -7.68
C GLY A 356 39.55 5.08 -8.82
N GLN A 357 39.32 3.76 -8.86
CA GLN A 357 38.45 3.15 -9.86
C GLN A 357 37.12 2.59 -9.28
N ASN A 358 35.97 3.03 -9.80
CA ASN A 358 34.68 2.52 -9.35
C ASN A 358 34.34 1.18 -9.99
N LEU A 359 34.35 0.14 -9.19
CA LEU A 359 34.05 -1.20 -9.67
C LEU A 359 32.56 -1.48 -9.67
N THR A 360 32.06 -2.13 -10.71
CA THR A 360 30.69 -2.67 -10.75
C THR A 360 30.61 -4.09 -11.33
N ALA A 361 30.47 -5.08 -10.46
CA ALA A 361 30.37 -6.47 -10.87
C ALA A 361 28.93 -7.09 -10.95
N THR A 362 28.36 -6.94 -12.15
CA THR A 362 27.05 -7.51 -12.55
C THR A 362 27.19 -8.97 -13.02
N THR A 363 26.39 -9.83 -12.42
CA THR A 363 26.41 -11.28 -12.67
C THR A 363 24.96 -11.81 -12.77
N ALA A 364 24.60 -12.39 -13.90
CA ALA A 364 23.28 -13.01 -14.07
C ALA A 364 23.44 -14.50 -13.85
N ALA A 365 22.37 -15.16 -13.41
CA ALA A 365 22.37 -16.61 -13.18
C ALA A 365 23.60 -17.13 -12.42
N GLN A 366 23.96 -16.47 -11.33
CA GLN A 366 25.14 -16.82 -10.55
C GLN A 366 25.25 -18.29 -10.13
N ALA A 367 24.12 -18.95 -9.83
CA ALA A 367 24.13 -20.36 -9.43
C ALA A 367 25.26 -20.66 -8.40
N ALA A 368 25.97 -21.79 -8.54
CA ALA A 368 26.95 -22.17 -7.51
C ALA A 368 28.31 -21.44 -7.66
N ASN A 369 28.36 -20.50 -8.60
CA ASN A 369 29.59 -19.73 -8.87
C ASN A 369 29.80 -18.67 -7.79
N ASN A 370 31.07 -18.34 -7.51
CA ASN A 370 31.37 -17.37 -6.46
C ASN A 370 31.86 -16.04 -6.99
N VAL A 371 31.21 -14.96 -6.56
CA VAL A 371 31.75 -13.64 -6.79
C VAL A 371 32.65 -13.26 -5.61
N ALA A 372 33.80 -12.68 -5.96
CA ALA A 372 34.78 -12.15 -5.02
C ALA A 372 35.33 -10.87 -5.63
N VAL A 373 35.20 -9.75 -4.94
CA VAL A 373 35.82 -8.48 -5.40
C VAL A 373 36.65 -7.77 -4.33
N ASP A 374 37.60 -6.95 -4.77
CA ASP A 374 38.54 -6.28 -3.88
C ASP A 374 38.98 -4.92 -4.39
N GLY A 375 39.41 -4.07 -3.47
CA GLY A 375 39.91 -2.74 -3.79
C GLY A 375 38.85 -1.86 -4.40
N GLY A 376 39.24 -1.01 -5.33
CA GLY A 376 38.36 -0.03 -5.97
C GLY A 376 38.02 1.14 -5.07
N ALA A 377 37.44 2.18 -5.68
CA ALA A 377 36.82 3.30 -4.93
C ALA A 377 35.40 2.90 -4.42
N ASN A 378 34.33 3.37 -5.07
CA ASN A 378 32.99 2.79 -4.82
C ASN A 378 32.92 1.45 -5.50
N VAL A 379 32.53 0.42 -4.76
CA VAL A 379 32.21 -0.85 -5.43
C VAL A 379 30.70 -1.12 -5.41
N THR A 380 30.24 -1.82 -6.43
CA THR A 380 28.85 -2.25 -6.54
C THR A 380 28.85 -3.69 -7.01
N VAL A 381 28.23 -4.58 -6.28
CA VAL A 381 27.98 -5.93 -6.76
C VAL A 381 26.49 -6.05 -7.05
N ALA A 382 26.15 -6.51 -8.26
CA ALA A 382 24.74 -6.73 -8.68
C ALA A 382 24.57 -8.15 -9.17
N SER A 383 24.14 -9.04 -8.30
CA SER A 383 24.05 -10.46 -8.60
C SER A 383 22.59 -10.94 -8.60
N THR A 384 22.17 -11.64 -9.68
CA THR A 384 20.79 -12.24 -9.84
C THR A 384 20.86 -13.76 -10.10
N GLY A 385 19.74 -14.47 -9.96
CA GLY A 385 19.66 -15.95 -10.04
C GLY A 385 20.65 -16.72 -9.16
N VAL A 386 20.71 -16.39 -7.87
CA VAL A 386 21.93 -16.69 -7.11
C VAL A 386 22.21 -18.11 -6.62
N THR A 387 21.35 -18.76 -5.86
CA THR A 387 21.70 -20.12 -5.29
C THR A 387 23.00 -20.18 -4.40
N SER A 388 23.78 -21.27 -4.47
CA SER A 388 24.95 -21.55 -3.60
C SER A 388 26.03 -20.50 -3.45
N GLY A 389 26.20 -19.72 -4.52
CA GLY A 389 27.23 -18.71 -4.66
C GLY A 389 27.43 -17.79 -3.48
N THR A 390 28.68 -17.76 -3.02
CA THR A 390 29.13 -16.75 -2.08
C THR A 390 29.27 -15.42 -2.82
N THR A 391 29.00 -14.36 -2.10
CA THR A 391 29.36 -13.03 -2.53
C THR A 391 30.32 -12.59 -1.44
N THR A 392 31.43 -12.00 -1.86
CA THR A 392 32.47 -11.62 -0.91
C THR A 392 33.29 -10.39 -1.38
N VAL A 393 33.30 -9.35 -0.55
CA VAL A 393 33.90 -8.04 -0.89
C VAL A 393 34.98 -7.67 0.12
N GLY A 394 36.10 -7.18 -0.41
CA GLY A 394 37.17 -6.60 0.39
C GLY A 394 37.90 -7.54 1.35
N ALA A 395 37.78 -8.85 1.09
CA ALA A 395 38.47 -9.90 1.85
C ALA A 395 40.01 -9.69 1.87
N ASN A 396 40.55 -9.11 0.79
CA ASN A 396 41.99 -8.90 0.59
C ASN A 396 42.35 -7.43 0.56
N SER A 397 41.41 -6.57 0.15
CA SER A 397 41.65 -5.13 0.07
C SER A 397 40.28 -4.41 0.09
N ALA A 398 40.10 -3.48 1.05
CA ALA A 398 38.83 -2.76 1.16
C ALA A 398 38.57 -1.71 0.05
N ALA A 399 37.34 -1.25 -0.08
CA ALA A 399 37.06 -0.14 -0.98
C ALA A 399 37.41 1.22 -0.35
N SER A 400 37.87 2.18 -1.16
CA SER A 400 38.04 3.60 -0.74
C SER A 400 36.74 4.28 -0.37
N GLY A 401 35.70 3.98 -1.14
CA GLY A 401 34.37 4.60 -1.00
C GLY A 401 33.35 3.61 -0.47
N THR A 402 32.17 3.60 -1.08
CA THR A 402 31.04 2.82 -0.57
C THR A 402 30.98 1.43 -1.18
N VAL A 403 30.61 0.45 -0.38
CA VAL A 403 30.19 -0.84 -0.89
C VAL A 403 28.65 -0.80 -1.06
N SER A 404 28.18 -1.41 -2.14
CA SER A 404 26.75 -1.61 -2.39
C SER A 404 26.46 -2.97 -3.04
N VAL A 405 26.38 -4.03 -2.25
CA VAL A 405 26.02 -5.34 -2.76
C VAL A 405 24.52 -5.36 -2.95
N SER A 406 24.07 -6.08 -3.97
CA SER A 406 22.69 -6.64 -3.99
C SER A 406 22.59 -8.02 -4.70
N VAL A 407 21.79 -8.91 -4.13
CA VAL A 407 21.79 -10.33 -4.47
C VAL A 407 20.36 -10.84 -4.58
N ALA A 408 19.96 -11.39 -5.73
CA ALA A 408 18.61 -12.03 -5.89
C ALA A 408 18.65 -13.58 -6.05
N ASN A 409 17.75 -14.31 -5.39
CA ASN A 409 17.69 -15.79 -5.49
C ASN A 409 16.26 -16.20 -5.82
N SER A 410 16.07 -17.18 -6.70
CA SER A 410 14.74 -17.73 -7.10
C SER A 410 14.60 -19.15 -6.67
N SER A 411 15.74 -19.74 -6.33
CA SER A 411 15.90 -21.11 -5.91
C SER A 411 15.21 -21.40 -4.57
N THR A 412 15.09 -22.67 -4.23
CA THR A 412 14.75 -23.11 -2.89
C THR A 412 16.04 -23.41 -2.10
N THR A 413 17.13 -23.74 -2.80
CA THR A 413 18.46 -23.93 -2.19
C THR A 413 19.03 -22.53 -1.79
N THR A 414 19.66 -22.50 -0.62
CA THR A 414 19.77 -21.29 0.18
C THR A 414 20.98 -20.42 -0.16
N THR A 415 20.82 -19.12 0.05
CA THR A 415 21.56 -18.11 -0.70
C THR A 415 23.08 -17.98 -0.50
N GLY A 416 23.74 -18.93 0.15
CA GLY A 416 25.25 -18.88 0.29
C GLY A 416 25.72 -17.62 0.99
N ALA A 417 26.92 -17.60 1.58
CA ALA A 417 27.33 -16.39 2.34
C ALA A 417 27.32 -15.07 1.55
N ILE A 418 27.34 -13.97 2.30
CA ILE A 418 27.74 -12.64 1.83
C ILE A 418 28.63 -12.06 2.94
N ALA A 419 29.84 -11.65 2.59
CA ALA A 419 30.78 -10.99 3.51
C ALA A 419 31.30 -9.70 2.91
N VAL A 420 31.32 -8.63 3.70
CA VAL A 420 31.98 -7.40 3.29
C VAL A 420 32.99 -7.04 4.37
N THR A 421 34.13 -6.48 3.94
CA THR A 421 35.11 -5.88 4.81
C THR A 421 35.44 -4.48 4.25
N GLY A 422 35.31 -3.49 5.12
CA GLY A 422 35.72 -2.13 4.79
C GLY A 422 34.78 -1.32 3.94
N GLY A 423 35.07 -0.01 3.83
CA GLY A 423 34.26 0.94 3.07
C GLY A 423 33.76 2.07 3.93
N THR A 424 33.50 3.23 3.32
CA THR A 424 32.95 4.38 4.03
C THR A 424 31.54 4.09 4.59
N ALA A 425 30.70 3.46 3.76
CA ALA A 425 29.35 2.95 4.11
C ALA A 425 29.09 1.64 3.34
N VAL A 426 28.40 0.70 3.98
CA VAL A 426 28.12 -0.60 3.39
C VAL A 426 26.60 -0.78 3.30
N THR A 427 26.13 -1.29 2.16
CA THR A 427 24.75 -1.79 2.04
C THR A 427 24.73 -3.18 1.42
N VAL A 428 24.16 -4.17 2.08
CA VAL A 428 23.89 -5.41 1.38
C VAL A 428 22.39 -5.67 1.33
N ALA A 429 21.87 -5.71 0.09
CA ALA A 429 20.44 -5.86 -0.15
C ALA A 429 20.13 -7.22 -0.78
N GLN A 430 19.74 -8.20 0.03
CA GLN A 430 19.18 -9.43 -0.51
C GLN A 430 17.73 -9.29 -0.91
N THR A 431 17.31 -10.12 -1.89
CA THR A 431 15.91 -10.48 -2.14
C THR A 431 15.75 -12.00 -2.29
N ALA A 432 14.48 -12.44 -2.16
CA ALA A 432 14.07 -13.80 -2.40
C ALA A 432 12.88 -13.75 -3.35
N GLY A 433 12.95 -14.52 -4.44
CA GLY A 433 11.87 -14.56 -5.44
C GLY A 433 11.33 -15.95 -5.76
N ASN A 434 11.42 -16.86 -4.80
CA ASN A 434 11.00 -18.26 -4.94
C ASN A 434 9.49 -18.43 -5.12
N ALA A 435 9.13 -19.61 -5.59
CA ALA A 435 7.76 -19.93 -5.97
C ALA A 435 6.79 -20.06 -4.78
N VAL A 436 5.51 -20.02 -5.11
CA VAL A 436 4.45 -19.90 -4.15
C VAL A 436 4.25 -21.05 -3.16
N ASN A 437 4.87 -22.21 -3.33
CA ASN A 437 4.67 -23.23 -2.29
C ASN A 437 5.97 -23.74 -1.74
N THR A 438 7.03 -22.98 -1.95
CA THR A 438 8.36 -23.38 -1.54
C THR A 438 8.87 -22.49 -0.43
N THR A 439 9.88 -22.97 0.28
CA THR A 439 10.62 -22.13 1.20
C THR A 439 12.09 -22.00 0.78
N LEU A 440 12.50 -20.77 0.52
CA LEU A 440 13.90 -20.40 0.43
C LEU A 440 14.36 -19.77 1.72
N THR A 441 15.44 -20.27 2.28
CA THR A 441 16.02 -19.60 3.42
C THR A 441 17.19 -18.69 2.92
N GLN A 442 17.23 -17.42 3.33
CA GLN A 442 18.14 -16.41 2.73
C GLN A 442 19.61 -16.47 3.21
N ALA A 443 20.45 -15.50 2.85
CA ALA A 443 21.89 -15.63 3.09
C ALA A 443 22.38 -15.05 4.39
N ASP A 444 23.35 -15.74 5.01
CA ASP A 444 24.03 -15.20 6.17
C ASP A 444 24.90 -14.07 5.77
N VAL A 445 24.74 -12.94 6.43
CA VAL A 445 25.54 -11.79 6.09
C VAL A 445 26.55 -11.51 7.19
N THR A 446 27.76 -11.12 6.78
CA THR A 446 28.78 -10.56 7.68
C THR A 446 29.30 -9.24 7.10
N VAL A 447 29.21 -8.16 7.86
CA VAL A 447 29.94 -6.94 7.54
C VAL A 447 30.94 -6.67 8.66
N THR A 448 32.17 -6.41 8.27
CA THR A 448 33.25 -5.99 9.17
C THR A 448 33.79 -4.66 8.64
N GLY A 449 33.55 -3.58 9.39
CA GLY A 449 34.01 -2.25 9.01
C GLY A 449 35.51 -2.15 9.07
N ASN A 450 36.09 -1.26 8.26
CA ASN A 450 37.44 -0.77 8.53
C ASN A 450 37.21 0.56 9.22
N SER A 451 38.27 1.25 9.57
CA SER A 451 38.16 2.48 10.32
C SER A 451 37.63 3.68 9.51
N SER A 452 36.89 3.42 8.43
CA SER A 452 36.17 4.47 7.70
C SER A 452 34.65 4.26 7.72
N THR A 453 34.24 3.10 8.25
CA THR A 453 32.87 2.62 8.16
C THR A 453 31.90 3.29 9.17
N THR A 454 31.16 4.29 8.71
CA THR A 454 30.26 5.00 9.57
C THR A 454 28.89 4.26 9.70
N ALA A 455 28.38 3.74 8.58
CA ALA A 455 27.04 3.11 8.47
C ALA A 455 27.05 1.72 7.79
N VAL A 456 26.11 0.88 8.18
CA VAL A 456 25.89 -0.43 7.58
C VAL A 456 24.38 -0.62 7.42
N THR A 457 23.97 -1.17 6.28
CA THR A 457 22.58 -1.50 6.02
C THR A 457 22.49 -2.93 5.50
N VAL A 458 21.59 -3.74 6.08
CA VAL A 458 21.40 -5.12 5.64
C VAL A 458 19.91 -5.49 5.52
N THR A 459 19.38 -5.26 4.31
CA THR A 459 17.99 -5.60 3.94
C THR A 459 17.86 -7.05 3.40
N GLN A 460 16.72 -7.67 3.67
CA GLN A 460 16.35 -8.99 3.15
C GLN A 460 14.86 -8.94 2.76
N THR A 461 14.34 -10.00 2.12
CA THR A 461 12.89 -10.14 1.92
C THR A 461 12.27 -10.61 3.25
N ALA A 462 11.04 -10.15 3.53
CA ALA A 462 10.36 -10.46 4.79
C ALA A 462 10.14 -11.99 4.91
N ALA A 463 10.32 -12.54 6.12
CA ALA A 463 10.01 -13.96 6.36
C ALA A 463 8.51 -14.23 6.20
N ALA A 464 8.15 -15.46 5.89
CA ALA A 464 6.74 -15.88 5.74
C ALA A 464 6.69 -17.38 5.84
N THR A 465 5.51 -17.92 6.12
CA THR A 465 5.37 -19.36 6.19
C THR A 465 4.85 -19.87 4.85
N ALA A 466 5.58 -20.87 4.32
CA ALA A 466 5.25 -21.50 3.05
C ALA A 466 3.80 -21.96 3.05
N GLY A 467 2.99 -21.31 2.22
CA GLY A 467 1.58 -21.64 2.09
C GLY A 467 1.18 -22.07 0.69
N ALA A 468 -0.14 -22.23 0.48
CA ALA A 468 -0.72 -22.58 -0.81
C ALA A 468 -0.39 -21.52 -1.85
N THR A 469 -0.42 -20.26 -1.42
CA THR A 469 -0.20 -19.11 -2.28
C THR A 469 0.69 -18.09 -1.55
N VAL A 470 1.49 -18.58 -0.61
CA VAL A 470 2.40 -17.76 0.17
C VAL A 470 3.81 -18.30 -0.07
N ALA A 471 4.66 -17.48 -0.68
CA ALA A 471 6.06 -17.83 -0.84
C ALA A 471 6.80 -17.80 0.52
N GLY A 472 7.38 -18.94 0.90
CA GLY A 472 8.09 -19.10 2.18
C GLY A 472 9.51 -18.57 2.20
N ARG A 473 9.84 -17.83 3.26
CA ARG A 473 11.19 -17.27 3.46
C ARG A 473 11.61 -17.37 4.93
N VAL A 474 12.85 -17.80 5.14
CA VAL A 474 13.53 -17.75 6.43
C VAL A 474 14.64 -16.69 6.22
N ASN A 475 15.05 -16.00 7.29
CA ASN A 475 16.00 -14.92 7.17
C ASN A 475 17.40 -15.35 7.56
N GLY A 476 18.41 -14.67 7.01
CA GLY A 476 19.79 -15.04 7.32
C GLY A 476 20.27 -14.31 8.56
N ALA A 477 21.16 -14.95 9.33
CA ALA A 477 21.86 -14.29 10.43
C ALA A 477 22.59 -13.07 9.88
N VAL A 478 22.68 -12.00 10.65
CA VAL A 478 23.59 -10.92 10.26
C VAL A 478 24.57 -10.67 11.39
N THR A 479 25.84 -10.39 11.05
CA THR A 479 26.89 -10.11 12.03
C THR A 479 27.59 -8.85 11.59
N ILE A 480 27.39 -7.77 12.33
CA ILE A 480 28.10 -6.53 12.06
C ILE A 480 29.11 -6.30 13.17
N THR A 481 30.34 -5.97 12.76
CA THR A 481 31.49 -5.74 13.65
C THR A 481 32.26 -4.50 13.19
N ASP A 482 32.52 -3.58 14.11
CA ASP A 482 33.44 -2.43 13.89
C ASP A 482 34.90 -2.90 14.02
N SER A 483 35.87 -2.19 13.42
CA SER A 483 37.35 -2.44 13.64
C SER A 483 37.73 -2.59 15.12
N ALA A 484 37.40 -1.54 15.88
CA ALA A 484 37.80 -1.33 17.27
C ALA A 484 36.85 -1.99 18.29
N ALA A 485 36.31 -3.11 17.86
CA ALA A 485 35.40 -3.88 18.64
C ALA A 485 36.12 -4.63 19.76
N ALA A 486 37.36 -5.03 19.51
CA ALA A 486 38.11 -5.80 20.50
C ALA A 486 39.12 -4.93 21.27
N SER A 487 39.37 -3.72 20.76
CA SER A 487 40.34 -2.76 21.35
C SER A 487 39.90 -2.24 22.72
N ALA A 488 40.89 -1.99 23.58
CA ALA A 488 40.67 -1.32 24.84
C ALA A 488 40.63 0.20 24.70
N THR A 489 41.28 0.75 23.65
CA THR A 489 41.39 2.21 23.53
C THR A 489 40.92 2.84 22.25
N THR A 490 40.98 2.12 21.14
CA THR A 490 40.71 2.72 19.81
C THR A 490 39.22 3.04 19.65
N ALA A 491 38.96 4.26 19.13
CA ALA A 491 37.63 4.86 19.00
C ALA A 491 36.49 3.90 18.56
N GLY A 492 36.50 3.43 17.31
CA GLY A 492 35.28 2.80 16.77
C GLY A 492 34.56 3.81 15.91
N LYS A 493 34.04 3.36 14.76
CA LYS A 493 33.50 4.26 13.73
C LYS A 493 32.05 3.99 13.30
N ILE A 494 31.56 2.76 13.49
CA ILE A 494 30.17 2.41 13.09
C ILE A 494 29.11 3.03 14.02
N ALA A 495 28.45 4.08 13.51
CA ALA A 495 27.49 4.90 14.27
C ALA A 495 26.03 4.45 14.08
N THR A 496 25.64 4.22 12.83
CA THR A 496 24.28 3.81 12.43
C THR A 496 24.27 2.42 11.80
N VAL A 497 23.27 1.61 12.11
CA VAL A 497 23.05 0.33 11.47
C VAL A 497 21.60 0.30 11.04
N THR A 498 21.32 -0.05 9.79
CA THR A 498 19.93 -0.21 9.37
C THR A 498 19.64 -1.66 9.03
N LEU A 499 18.63 -2.25 9.65
CA LEU A 499 18.14 -3.58 9.24
C LEU A 499 16.71 -3.54 8.63
N GLY A 500 16.48 -4.42 7.63
CA GLY A 500 15.16 -4.59 6.97
C GLY A 500 14.96 -6.09 6.88
N SER A 501 14.28 -6.66 7.89
CA SER A 501 14.25 -8.12 8.20
C SER A 501 15.60 -8.75 8.55
N PHE A 502 15.57 -9.83 9.35
CA PHE A 502 16.79 -10.50 9.84
C PHE A 502 16.52 -11.74 10.68
N GLY A 503 17.48 -12.67 10.69
CA GLY A 503 17.46 -13.83 11.57
C GLY A 503 18.13 -13.45 12.87
N ALA A 504 19.11 -14.25 13.31
CA ALA A 504 19.88 -13.95 14.50
C ALA A 504 20.92 -12.84 14.23
N ALA A 505 20.51 -11.57 14.38
CA ALA A 505 21.41 -10.43 14.20
C ALA A 505 22.23 -10.02 15.44
N THR A 506 23.47 -9.54 15.19
CA THR A 506 24.49 -9.03 16.14
C THR A 506 25.00 -7.69 15.65
N ILE A 507 25.16 -6.72 16.54
CA ILE A 507 26.06 -5.59 16.25
C ILE A 507 27.12 -5.55 17.34
N ASP A 508 28.32 -5.05 17.00
CA ASP A 508 29.34 -4.77 18.01
C ASP A 508 30.16 -3.52 17.69
N SER A 509 29.77 -2.39 18.28
CA SER A 509 30.42 -1.11 18.01
C SER A 509 30.28 -0.18 19.22
N SER A 510 31.41 0.35 19.66
CA SER A 510 31.45 1.32 20.73
C SER A 510 31.06 2.72 20.21
N ALA A 511 30.96 2.90 18.90
CA ALA A 511 30.51 4.19 18.42
C ALA A 511 29.02 4.22 18.05
N LEU A 512 28.34 3.09 18.26
CA LEU A 512 26.91 2.94 17.88
C LEU A 512 25.93 3.79 18.66
N THR A 513 25.11 4.55 17.92
CA THR A 513 24.05 5.37 18.52
C THR A 513 22.64 5.03 18.00
N THR A 514 22.56 4.66 16.72
CA THR A 514 21.26 4.49 16.09
C THR A 514 21.15 3.10 15.49
N VAL A 515 19.99 2.48 15.67
CA VAL A 515 19.66 1.25 14.95
C VAL A 515 18.29 1.50 14.30
N ASN A 516 18.18 1.22 13.00
CA ASN A 516 16.92 1.37 12.30
C ASN A 516 16.36 0.00 11.99
N LEU A 517 15.18 -0.29 12.49
CA LEU A 517 14.59 -1.61 12.31
C LEU A 517 13.30 -1.54 11.50
N SER A 518 12.90 -2.70 10.95
CA SER A 518 12.08 -2.78 9.74
C SER A 518 11.80 -4.26 9.44
N GLY A 519 10.55 -4.64 9.14
CA GLY A 519 10.25 -6.00 8.66
C GLY A 519 10.34 -7.10 9.71
N THR A 520 10.77 -8.30 9.33
CA THR A 520 10.66 -9.47 10.21
C THR A 520 11.98 -9.95 10.82
N GLY A 521 12.07 -9.84 12.14
CA GLY A 521 13.30 -10.16 12.87
C GLY A 521 13.25 -11.34 13.84
N THR A 522 14.41 -11.96 14.07
CA THR A 522 14.46 -12.99 15.09
C THR A 522 15.00 -12.46 16.42
N SER A 523 16.23 -11.93 16.43
CA SER A 523 16.87 -11.42 17.63
C SER A 523 17.91 -10.44 17.21
N LEU A 524 18.04 -9.37 17.99
CA LEU A 524 19.16 -8.46 17.88
C LEU A 524 19.92 -8.44 19.19
N GLY A 525 21.22 -8.64 19.11
CA GLY A 525 22.11 -8.53 20.26
C GLY A 525 23.05 -7.36 20.06
N ILE A 526 22.93 -6.31 20.87
CA ILE A 526 23.82 -5.17 20.73
C ILE A 526 24.90 -5.22 21.80
N GLY A 527 26.14 -5.33 21.33
CA GLY A 527 27.36 -5.15 22.12
C GLY A 527 28.06 -3.85 21.75
N ARG A 528 28.72 -3.22 22.70
CA ARG A 528 29.57 -2.06 22.45
C ARG A 528 31.04 -2.53 22.54
N GLY A 529 31.95 -1.77 21.94
CA GLY A 529 33.35 -2.19 21.95
C GLY A 529 33.88 -2.42 23.36
N ALA A 530 34.85 -3.32 23.49
CA ALA A 530 35.43 -3.64 24.80
C ALA A 530 36.37 -2.55 25.39
N LEU A 531 36.16 -1.30 24.95
CA LEU A 531 36.71 -0.10 25.59
C LEU A 531 36.69 -0.18 27.11
N THR A 532 37.82 0.11 27.75
CA THR A 532 37.92 0.03 29.22
C THR A 532 37.44 1.30 29.90
N ALA A 533 37.69 2.46 29.28
CA ALA A 533 37.10 3.76 29.63
C ALA A 533 35.57 3.70 29.88
N THR A 534 35.11 4.33 30.97
CA THR A 534 33.68 4.41 31.30
C THR A 534 32.98 5.42 30.36
N PRO A 535 32.01 4.93 29.56
CA PRO A 535 31.42 5.71 28.48
C PRO A 535 30.52 6.79 29.02
N THR A 536 30.51 7.94 28.37
CA THR A 536 29.71 9.05 28.85
C THR A 536 28.39 9.22 28.06
N ALA A 537 28.43 9.10 26.73
CA ALA A 537 27.21 9.15 25.89
C ALA A 537 26.62 7.75 25.75
N ASN A 538 25.40 7.55 26.29
CA ASN A 538 24.77 6.22 26.45
C ASN A 538 23.29 6.21 26.07
N THR A 539 23.05 6.75 24.88
CA THR A 539 21.70 6.90 24.35
C THR A 539 21.58 6.04 23.08
N LEU A 540 20.85 4.93 23.20
CA LEU A 540 20.43 4.18 22.03
C LEU A 540 19.16 4.78 21.41
N THR A 541 19.27 5.29 20.19
CA THR A 541 18.09 5.63 19.40
C THR A 541 17.70 4.40 18.60
N LEU A 542 16.44 4.01 18.64
CA LEU A 542 15.99 2.79 18.03
C LEU A 542 14.79 3.12 17.25
N ASN A 543 14.96 3.44 15.97
CA ASN A 543 13.82 3.79 15.11
C ASN A 543 13.20 2.57 14.51
N VAL A 544 11.92 2.37 14.81
CA VAL A 544 11.21 1.24 14.26
C VAL A 544 10.14 1.70 13.30
N ASN A 545 9.78 0.77 12.41
CA ASN A 545 8.87 0.94 11.29
C ASN A 545 8.50 -0.42 10.71
N GLY A 546 7.28 -0.85 10.94
CA GLY A 546 6.85 -2.15 10.46
C GLY A 546 7.65 -3.32 11.01
N LEU A 547 8.28 -3.17 12.17
CA LEU A 547 9.11 -4.24 12.72
C LEU A 547 8.28 -5.25 13.50
N THR A 548 8.58 -6.55 13.36
CA THR A 548 8.00 -7.61 14.19
C THR A 548 9.12 -8.55 14.60
N THR A 549 9.18 -8.91 15.88
CA THR A 549 10.24 -9.78 16.37
C THR A 549 9.77 -11.09 16.97
N THR A 550 10.27 -12.21 16.48
CA THR A 550 10.20 -13.49 17.19
C THR A 550 10.65 -13.38 18.65
N GLY A 551 11.81 -12.74 18.86
CA GLY A 551 12.54 -12.81 20.11
C GLY A 551 13.08 -11.45 20.51
N ALA A 552 14.27 -11.47 21.13
CA ALA A 552 14.74 -10.37 21.94
C ALA A 552 15.68 -9.39 21.26
N ILE A 553 15.39 -8.11 21.41
CA ILE A 553 16.43 -7.09 21.31
C ILE A 553 17.12 -7.01 22.69
N THR A 554 18.41 -7.35 22.76
CA THR A 554 19.18 -7.35 24.01
C THR A 554 20.32 -6.32 23.94
N ASP A 555 20.62 -5.70 25.09
CA ASP A 555 21.82 -4.92 25.28
C ASP A 555 22.80 -5.90 25.97
N SER A 556 23.57 -6.58 25.15
CA SER A 556 24.59 -7.53 25.60
C SER A 556 25.68 -6.88 26.47
N GLU A 557 25.97 -5.60 26.20
CA GLU A 557 26.98 -4.84 26.95
C GLU A 557 26.55 -4.53 28.39
N ALA A 558 25.26 -4.31 28.62
CA ALA A 558 24.75 -3.88 29.94
C ALA A 558 25.03 -4.85 31.11
N ALA A 559 24.85 -6.15 30.82
CA ALA A 559 25.01 -7.26 31.76
C ALA A 559 26.29 -7.17 32.62
N ALA A 560 27.45 -7.39 32.01
CA ALA A 560 28.75 -7.34 32.71
C ALA A 560 29.58 -6.05 32.48
N ASP A 561 29.08 -5.11 31.69
CA ASP A 561 29.85 -3.92 31.29
C ASP A 561 28.91 -2.72 31.30
N ASP A 562 29.23 -1.68 30.53
CA ASP A 562 28.48 -0.42 30.56
C ASP A 562 27.56 -0.22 29.35
N GLY A 563 26.29 -0.62 29.55
CA GLY A 563 25.26 -0.52 28.52
C GLY A 563 24.72 0.88 28.27
N PHE A 564 23.54 0.93 27.63
CA PHE A 564 22.82 2.19 27.44
C PHE A 564 21.92 2.46 28.65
N THR A 565 22.01 3.70 29.13
CA THR A 565 21.22 4.18 30.26
C THR A 565 19.86 4.68 29.78
N THR A 566 19.82 5.36 28.63
CA THR A 566 18.52 5.80 28.07
C THR A 566 18.25 5.20 26.65
N ILE A 567 17.12 4.50 26.48
CA ILE A 567 16.70 3.92 25.19
C ILE A 567 15.57 4.77 24.64
N ASN A 568 15.66 5.18 23.39
CA ASN A 568 14.55 5.88 22.73
C ASN A 568 14.03 5.05 21.58
N ILE A 569 12.72 4.84 21.52
CA ILE A 569 12.16 4.06 20.45
C ILE A 569 11.24 4.98 19.69
N ALA A 570 11.53 5.21 18.42
CA ALA A 570 10.63 6.01 17.58
C ALA A 570 9.96 5.14 16.51
N GLY A 571 8.71 4.76 16.81
CA GLY A 571 7.84 4.05 15.87
C GLY A 571 7.38 4.96 14.74
N SER A 572 7.36 4.41 13.53
CA SER A 572 7.17 5.25 12.34
C SER A 572 6.41 4.60 11.17
N THR A 573 5.47 5.37 10.60
CA THR A 573 4.60 4.97 9.47
C THR A 573 3.89 3.58 9.51
N ALA A 574 4.40 2.62 10.28
CA ALA A 574 3.71 1.33 10.55
C ALA A 574 3.96 0.76 11.96
N SER A 575 2.97 0.01 12.43
CA SER A 575 3.01 -0.72 13.72
C SER A 575 4.23 -1.58 13.86
N SER A 576 4.74 -1.64 15.08
CA SER A 576 5.89 -2.48 15.34
C SER A 576 5.62 -3.27 16.61
N THR A 577 6.17 -4.47 16.69
CA THR A 577 6.00 -5.37 17.84
C THR A 577 7.32 -6.05 18.19
N ILE A 578 7.84 -5.75 19.38
CA ILE A 578 9.09 -6.31 19.85
C ILE A 578 8.73 -7.35 20.89
N ALA A 579 8.97 -8.61 20.58
CA ALA A 579 8.56 -9.71 21.47
C ALA A 579 9.12 -9.57 22.88
N SER A 580 10.37 -9.07 22.97
CA SER A 580 11.11 -8.92 24.22
C SER A 580 12.14 -7.82 24.04
N LEU A 581 12.23 -6.91 25.01
CA LEU A 581 13.31 -5.92 25.06
C LEU A 581 14.09 -6.07 26.36
N VAL A 582 15.38 -6.41 26.27
CA VAL A 582 16.20 -6.71 27.46
C VAL A 582 17.31 -5.67 27.56
N ALA A 583 17.22 -4.74 28.53
CA ALA A 583 18.19 -3.64 28.63
C ALA A 583 18.57 -3.36 30.09
N ALA A 584 19.37 -4.27 30.65
CA ALA A 584 19.69 -4.25 32.08
C ALA A 584 20.34 -2.97 32.69
N ASP A 585 20.85 -2.05 31.86
CA ASP A 585 21.42 -0.79 32.41
C ASP A 585 20.53 0.41 32.11
N ALA A 586 19.34 0.13 31.60
CA ALA A 586 18.43 1.20 31.20
C ALA A 586 17.67 1.87 32.36
N THR A 587 17.50 3.18 32.20
CA THR A 587 17.13 4.15 33.24
C THR A 587 15.85 4.90 32.82
N THR A 588 15.86 5.43 31.60
CA THR A 588 14.75 6.13 30.95
C THR A 588 14.41 5.28 29.73
N LEU A 589 13.15 5.35 29.29
CA LEU A 589 12.67 4.69 28.09
C LEU A 589 11.66 5.63 27.53
N ASN A 590 11.92 6.19 26.35
CA ASN A 590 10.96 7.12 25.75
C ASN A 590 10.49 6.57 24.42
N ILE A 591 9.17 6.32 24.34
CA ILE A 591 8.58 5.81 23.13
C ILE A 591 7.93 6.99 22.40
N SER A 592 8.39 7.27 21.19
CA SER A 592 7.97 8.46 20.45
C SER A 592 7.47 8.16 19.04
N GLY A 593 7.09 9.23 18.34
CA GLY A 593 6.77 9.17 16.91
C GLY A 593 5.33 9.10 16.44
N ASP A 594 5.06 8.09 15.61
CA ASP A 594 4.13 8.21 14.52
C ASP A 594 3.13 7.07 14.38
N ALA A 595 3.54 5.90 14.89
CA ALA A 595 2.77 4.68 14.78
C ALA A 595 3.12 3.79 15.96
N ARG A 596 2.16 2.96 16.34
CA ARG A 596 2.21 2.13 17.55
C ARG A 596 3.50 1.35 17.69
N VAL A 597 4.01 1.38 18.90
CA VAL A 597 5.09 0.52 19.29
C VAL A 597 4.54 -0.38 20.37
N THR A 598 4.68 -1.68 20.19
CA THR A 598 4.24 -2.64 21.19
C THR A 598 5.46 -3.39 21.70
N ILE A 599 5.67 -3.41 23.02
CA ILE A 599 6.73 -4.24 23.57
C ILE A 599 6.05 -5.29 24.41
N THR A 600 6.02 -6.50 23.87
CA THR A 600 5.35 -7.60 24.55
C THR A 600 5.93 -7.88 25.95
N SER A 601 7.25 -7.71 26.12
CA SER A 601 7.89 -8.05 27.38
C SER A 601 9.24 -7.36 27.54
N HIS A 602 9.35 -6.47 28.51
CA HIS A 602 10.66 -5.88 28.77
C HIS A 602 11.28 -6.48 30.02
N THR A 603 12.62 -6.53 30.03
CA THR A 603 13.40 -6.94 31.19
C THR A 603 14.46 -5.84 31.44
N ALA A 604 14.05 -4.83 32.21
CA ALA A 604 14.84 -3.64 32.44
C ALA A 604 14.69 -3.17 33.88
N ALA A 605 15.29 -3.97 34.77
CA ALA A 605 15.14 -3.85 36.23
C ALA A 605 15.47 -2.46 36.79
N ALA A 606 16.46 -1.80 36.21
CA ALA A 606 16.91 -0.50 36.69
C ALA A 606 16.14 0.71 36.13
N LEU A 607 15.01 0.45 35.46
CA LEU A 607 14.20 1.55 34.91
C LEU A 607 13.60 2.43 36.01
N THR A 608 13.81 3.75 35.89
CA THR A 608 13.23 4.73 36.82
C THR A 608 12.04 5.48 36.19
N GLY A 609 11.89 5.43 34.87
CA GLY A 609 10.74 6.07 34.19
C GLY A 609 10.51 5.59 32.76
N ILE A 610 9.25 5.57 32.34
CA ILE A 610 8.88 5.29 30.96
C ILE A 610 8.03 6.45 30.46
N THR A 611 8.29 6.95 29.26
CA THR A 611 7.59 8.17 28.79
C THR A 611 7.15 8.13 27.33
N VAL A 612 5.86 7.84 27.11
CA VAL A 612 5.30 7.82 25.77
C VAL A 612 4.89 9.21 25.31
N THR A 613 5.31 9.52 24.11
CA THR A 613 5.10 10.81 23.51
C THR A 613 4.49 10.54 22.12
N ASN A 614 4.37 9.26 21.79
CA ASN A 614 3.91 8.77 20.50
C ASN A 614 2.42 9.05 20.24
N SER A 615 2.09 9.49 19.03
CA SER A 615 0.74 9.86 18.56
C SER A 615 -0.32 8.78 18.62
N VAL A 616 0.03 7.60 18.11
CA VAL A 616 -0.90 6.50 18.06
C VAL A 616 -0.91 5.84 19.43
N GLY A 617 0.25 5.80 20.07
CA GLY A 617 0.35 5.22 21.40
C GLY A 617 1.37 4.12 21.50
N ALA A 618 1.50 3.58 22.70
CA ALA A 618 2.48 2.52 22.99
C ALA A 618 1.80 1.52 23.85
N THR A 619 2.09 0.25 23.63
CA THR A 619 1.53 -0.73 24.54
C THR A 619 2.66 -1.61 25.12
N LEU A 620 2.61 -1.87 26.43
CA LEU A 620 3.61 -2.71 27.09
C LEU A 620 2.91 -3.86 27.73
N GLY A 621 3.26 -5.05 27.31
CA GLY A 621 2.53 -6.23 27.75
C GLY A 621 3.00 -6.72 29.07
N ALA A 622 4.22 -6.34 29.45
CA ALA A 622 4.74 -6.73 30.73
C ALA A 622 4.24 -5.79 31.84
N GLU A 623 3.97 -6.42 33.00
CA GLU A 623 3.55 -5.65 34.16
C GLU A 623 4.71 -4.82 34.68
N LEU A 624 4.50 -3.50 34.77
CA LEU A 624 5.50 -2.58 35.28
C LEU A 624 5.93 -2.88 36.72
N ALA A 625 7.15 -2.47 37.04
CA ALA A 625 7.66 -2.53 38.42
C ALA A 625 6.80 -1.65 39.33
N THR A 626 6.63 -2.11 40.57
CA THR A 626 5.80 -1.38 41.51
C THR A 626 6.41 0.02 41.78
N GLY A 627 7.74 0.12 41.68
CA GLY A 627 8.50 1.40 41.81
C GLY A 627 8.54 2.34 40.59
N LEU A 628 8.00 1.86 39.45
CA LEU A 628 8.24 2.48 38.14
C LEU A 628 7.18 3.46 37.69
N VAL A 629 7.62 4.69 37.40
CA VAL A 629 6.71 5.75 36.92
C VAL A 629 6.44 5.60 35.43
N PHE A 630 5.19 5.82 35.02
CA PHE A 630 4.83 5.77 33.60
C PHE A 630 4.06 7.01 33.23
N THR A 631 4.37 7.60 32.09
CA THR A 631 3.62 8.76 31.63
C THR A 631 3.18 8.55 30.16
N GLY A 632 1.86 8.53 29.92
CA GLY A 632 1.34 8.47 28.54
C GLY A 632 1.34 9.83 27.85
N GLY A 633 0.97 9.86 26.56
CA GLY A 633 0.78 11.11 25.79
C GLY A 633 -0.62 11.05 25.20
N ALA A 634 -0.87 11.76 24.10
CA ALA A 634 -2.10 11.55 23.30
C ALA A 634 -2.08 10.09 22.82
N GLY A 635 -3.20 9.59 22.30
CA GLY A 635 -3.18 8.23 21.73
C GLY A 635 -3.16 7.05 22.70
N ALA A 636 -3.73 5.95 22.22
CA ALA A 636 -4.10 4.82 23.06
C ALA A 636 -2.88 4.15 23.66
N ASP A 637 -2.44 4.62 24.82
CA ASP A 637 -1.33 3.93 25.48
C ASP A 637 -1.93 2.76 26.29
N SER A 638 -1.13 1.74 26.63
CA SER A 638 -1.67 0.55 27.31
C SER A 638 -0.69 -0.34 28.09
N ILE A 639 -0.90 -0.40 29.42
CA ILE A 639 0.05 -1.06 30.37
C ILE A 639 -0.57 -2.07 31.33
N LEU A 640 0.25 -2.77 32.09
CA LEU A 640 -0.20 -3.57 33.22
C LEU A 640 0.48 -3.06 34.49
N LEU A 641 -0.32 -2.89 35.55
CA LEU A 641 0.13 -2.41 36.86
C LEU A 641 -0.12 -3.44 37.92
N GLY A 642 0.73 -3.44 38.92
CA GLY A 642 0.50 -4.20 40.14
C GLY A 642 0.30 -3.18 41.23
N ALA A 643 0.73 -3.54 42.45
CA ALA A 643 0.54 -2.69 43.63
C ALA A 643 1.48 -1.47 43.58
N THR A 644 1.18 -0.57 42.64
CA THR A 644 2.05 0.56 42.36
C THR A 644 2.19 1.57 43.50
N THR A 645 3.36 2.20 43.51
CA THR A 645 3.92 3.00 44.58
C THR A 645 4.01 4.42 44.07
N LYS A 646 3.72 4.58 42.79
CA LYS A 646 3.99 5.81 42.07
C LYS A 646 2.74 6.36 41.41
N ALA A 647 2.80 7.64 40.99
CA ALA A 647 1.67 8.34 40.34
C ALA A 647 1.66 8.20 38.82
N ILE A 648 0.87 7.24 38.33
CA ILE A 648 0.79 6.86 36.92
C ILE A 648 -0.19 7.79 36.24
N VAL A 649 0.24 8.41 35.14
CA VAL A 649 -0.65 9.27 34.35
C VAL A 649 -0.70 8.68 32.96
N MET A 650 -1.86 8.83 32.30
CA MET A 650 -2.11 8.16 31.05
C MET A 650 -2.25 9.10 29.89
N GLY A 651 -2.37 10.40 30.16
CA GLY A 651 -2.49 11.45 29.12
C GLY A 651 -3.84 11.38 28.39
N ALA A 652 -3.91 12.07 27.25
CA ALA A 652 -5.13 12.08 26.40
C ALA A 652 -5.32 10.75 25.64
N GLY A 653 -6.38 10.68 24.83
CA GLY A 653 -6.67 9.49 24.01
C GLY A 653 -7.15 8.25 24.75
N ASP A 654 -7.57 7.23 24.02
CA ASP A 654 -8.28 6.13 24.64
C ASP A 654 -7.38 5.02 25.21
N ASP A 655 -7.00 5.23 26.47
CA ASP A 655 -5.96 4.44 27.13
C ASP A 655 -6.49 3.18 27.81
N THR A 656 -5.60 2.30 28.26
CA THR A 656 -6.02 1.00 28.88
C THR A 656 -5.04 0.50 29.95
N VAL A 657 -5.42 0.59 31.22
CA VAL A 657 -4.60 -0.06 32.28
C VAL A 657 -5.26 -1.30 32.83
N THR A 658 -4.46 -2.36 32.90
CA THR A 658 -4.87 -3.62 33.49
C THR A 658 -4.21 -3.72 34.85
N VAL A 659 -5.02 -3.92 35.89
CA VAL A 659 -4.49 -4.10 37.25
C VAL A 659 -4.58 -5.52 37.77
N SER A 660 -3.51 -5.93 38.42
CA SER A 660 -3.38 -7.30 38.93
C SER A 660 -3.80 -7.33 40.39
N SER A 661 -3.76 -6.17 41.03
CA SER A 661 -4.29 -6.08 42.39
C SER A 661 -5.21 -4.85 42.58
N ALA A 662 -6.29 -5.13 43.33
CA ALA A 662 -7.47 -4.24 43.43
C ALA A 662 -7.14 -2.85 44.05
N THR A 663 -6.39 -2.86 45.14
CA THR A 663 -5.90 -1.64 45.76
C THR A 663 -4.43 -1.47 45.45
N LEU A 664 -4.03 -0.21 45.32
CA LEU A 664 -2.64 0.12 45.03
C LEU A 664 -1.79 0.03 46.31
N GLY A 665 -0.74 0.83 46.45
CA GLY A 665 0.14 0.71 47.63
C GLY A 665 0.70 2.06 47.91
N ALA A 666 1.59 2.16 48.92
CA ALA A 666 2.31 3.40 49.29
C ALA A 666 1.43 4.59 48.90
N GLY A 667 1.64 5.20 47.76
CA GLY A 667 0.59 6.04 47.21
C GLY A 667 1.07 6.74 45.98
N GLY A 668 0.84 6.21 44.79
CA GLY A 668 0.15 4.93 44.58
C GLY A 668 -1.20 5.23 43.98
N SER A 669 -1.20 5.75 42.74
CA SER A 669 -2.39 6.23 42.04
C SER A 669 -2.29 6.03 40.51
N VAL A 670 -3.43 5.99 39.82
CA VAL A 670 -3.45 5.93 38.35
C VAL A 670 -4.60 6.74 37.74
N ASN A 671 -4.26 7.79 37.02
CA ASN A 671 -5.28 8.60 36.40
C ASN A 671 -5.32 8.32 34.88
N GLY A 672 -6.48 7.86 34.40
CA GLY A 672 -6.73 7.70 32.98
C GLY A 672 -6.62 8.94 32.09
N GLY A 673 -6.59 10.15 32.66
CA GLY A 673 -6.54 11.42 31.88
C GLY A 673 -7.76 11.65 30.99
N ASP A 674 -7.65 12.56 30.03
CA ASP A 674 -8.75 12.80 29.06
C ASP A 674 -9.05 11.62 28.14
N GLY A 675 -10.27 11.62 27.58
CA GLY A 675 -10.72 10.58 26.63
C GLY A 675 -11.38 9.39 27.31
N THR A 676 -11.85 8.45 26.50
CA THR A 676 -12.56 7.30 27.04
C THR A 676 -11.54 6.23 27.34
N ASP A 677 -11.31 5.97 28.62
CA ASP A 677 -10.23 5.06 29.02
C ASP A 677 -10.76 3.84 29.70
N VAL A 678 -10.18 2.69 29.39
CA VAL A 678 -10.62 1.41 29.93
C VAL A 678 -9.81 1.01 31.14
N LEU A 679 -10.45 0.57 32.21
CA LEU A 679 -9.74 -0.04 33.35
C LEU A 679 -10.05 -1.54 33.40
N VAL A 680 -9.00 -2.35 33.38
CA VAL A 680 -9.19 -3.81 33.28
C VAL A 680 -8.91 -4.45 34.61
N ALA A 681 -9.90 -5.13 35.16
CA ALA A 681 -9.74 -5.71 36.49
C ALA A 681 -9.32 -7.17 36.46
N ASN A 682 -8.04 -7.44 36.59
CA ASN A 682 -7.62 -8.84 36.63
C ASN A 682 -7.58 -9.36 38.07
N VAL A 683 -8.74 -9.33 38.73
CA VAL A 683 -8.85 -9.46 40.19
C VAL A 683 -10.11 -10.19 40.66
N ASN A 684 -10.20 -10.50 41.95
CA ASN A 684 -11.33 -11.24 42.50
C ASN A 684 -12.54 -10.37 42.84
N GLY A 685 -12.38 -9.07 42.97
CA GLY A 685 -13.53 -8.19 43.02
C GLY A 685 -13.00 -6.79 42.91
N SER A 686 -13.84 -5.84 42.52
CA SER A 686 -13.38 -4.45 42.50
C SER A 686 -14.38 -3.46 43.08
N SER A 687 -13.88 -2.32 43.53
CA SER A 687 -14.71 -1.15 43.72
C SER A 687 -13.97 0.12 43.41
N PHE A 688 -13.77 0.38 42.13
CA PHE A 688 -12.89 1.46 41.74
C PHE A 688 -13.46 2.86 41.97
N SER A 689 -14.78 2.95 42.02
CA SER A 689 -15.40 4.21 42.23
C SER A 689 -15.07 4.82 43.60
N ALA A 690 -15.14 3.97 44.61
CA ALA A 690 -14.77 4.30 45.98
C ALA A 690 -13.33 4.85 46.15
N ASP A 691 -12.34 4.18 45.55
CA ASP A 691 -10.92 4.49 45.70
C ASP A 691 -10.56 5.77 44.96
N PRO A 692 -10.04 6.79 45.69
CA PRO A 692 -9.67 7.99 44.94
C PRO A 692 -8.32 7.81 44.23
N ALA A 693 -7.65 6.66 44.48
CA ALA A 693 -6.40 6.33 43.83
C ALA A 693 -6.57 6.18 42.29
N PHE A 694 -7.76 5.69 41.86
CA PHE A 694 -8.12 5.60 40.45
C PHE A 694 -9.06 6.76 40.10
N GLY A 695 -8.80 7.45 38.98
CA GLY A 695 -9.67 8.51 38.47
C GLY A 695 -9.58 8.59 36.93
N GLY A 696 -10.56 9.23 36.28
CA GLY A 696 -10.49 9.47 34.82
C GLY A 696 -10.76 8.28 33.88
N PHE A 697 -11.26 7.19 34.48
CA PHE A 697 -11.71 6.00 33.75
C PHE A 697 -13.21 6.04 33.43
N GLU A 698 -13.61 5.41 32.33
CA GLU A 698 -14.97 5.49 31.85
C GLU A 698 -15.56 4.12 31.61
N THR A 699 -14.71 3.12 31.40
CA THR A 699 -15.15 1.77 31.03
C THR A 699 -14.49 0.76 31.95
N LEU A 700 -15.27 -0.18 32.44
CA LEU A 700 -14.72 -1.20 33.29
C LEU A 700 -14.79 -2.51 32.54
N ARG A 701 -13.63 -3.17 32.36
CA ARG A 701 -13.55 -4.50 31.74
C ARG A 701 -13.05 -5.52 32.72
N VAL A 702 -13.72 -6.67 32.77
CA VAL A 702 -13.28 -7.77 33.62
C VAL A 702 -12.68 -8.84 32.70
N ALA A 703 -11.34 -8.93 32.72
CA ALA A 703 -10.57 -9.84 31.85
C ALA A 703 -9.18 -10.12 32.42
N GLY A 704 -8.81 -11.40 32.43
CA GLY A 704 -7.46 -11.85 32.82
C GLY A 704 -7.56 -13.21 33.48
N ALA A 705 -6.41 -13.80 33.78
CA ALA A 705 -6.33 -15.16 34.33
C ALA A 705 -6.73 -15.22 35.80
N ALA A 706 -6.76 -14.06 36.46
CA ALA A 706 -7.23 -13.94 37.85
C ALA A 706 -8.60 -13.21 38.00
N ALA A 707 -9.23 -12.88 36.87
CA ALA A 707 -10.44 -12.05 36.83
C ALA A 707 -11.72 -12.85 37.14
N GLN A 708 -12.52 -12.35 38.08
CA GLN A 708 -13.55 -13.13 38.75
C GLN A 708 -14.36 -12.29 39.70
N GLY A 709 -15.48 -12.86 40.17
CA GLY A 709 -16.25 -12.37 41.32
C GLY A 709 -16.98 -11.06 41.13
N SER A 710 -17.28 -10.40 42.24
CA SER A 710 -18.19 -9.24 42.29
C SER A 710 -17.49 -7.89 42.01
N HIS A 711 -18.01 -7.12 41.05
CA HIS A 711 -17.36 -5.90 40.57
C HIS A 711 -18.25 -4.67 40.56
N ASN A 712 -17.90 -3.64 41.31
CA ASN A 712 -18.76 -2.44 41.39
C ASN A 712 -18.67 -1.56 40.13
N ALA A 713 -19.72 -1.66 39.33
CA ALA A 713 -19.91 -0.88 38.09
C ALA A 713 -20.11 0.61 38.30
N ASN A 714 -20.38 1.03 39.54
CA ASN A 714 -20.75 2.41 39.82
C ASN A 714 -19.71 3.34 39.25
N GLY A 715 -20.22 4.39 38.60
CA GLY A 715 -19.42 5.49 38.10
C GLY A 715 -18.83 5.22 36.73
N PHE A 716 -19.02 4.01 36.16
CA PHE A 716 -18.58 3.72 34.79
C PHE A 716 -19.73 3.92 33.78
N THR A 717 -19.40 4.39 32.59
CA THR A 717 -20.39 4.62 31.54
C THR A 717 -20.50 3.47 30.52
N ALA A 718 -19.56 2.53 30.56
CA ALA A 718 -19.63 1.31 29.73
C ALA A 718 -19.00 0.10 30.43
N LEU A 719 -19.35 -1.10 29.99
CA LEU A 719 -18.76 -2.33 30.53
C LEU A 719 -18.23 -3.28 29.48
N GLN A 720 -17.11 -3.94 29.80
CA GLN A 720 -16.54 -4.99 28.93
C GLN A 720 -16.20 -6.27 29.66
N LEU A 721 -16.17 -7.37 28.91
CA LEU A 721 -15.85 -8.67 29.47
C LEU A 721 -14.99 -9.50 28.50
N GLY A 722 -13.96 -10.17 29.04
CA GLY A 722 -13.02 -11.00 28.28
C GLY A 722 -12.92 -12.36 28.91
N ALA A 723 -11.79 -13.05 28.71
CA ALA A 723 -11.62 -14.39 29.30
C ALA A 723 -11.42 -14.25 30.80
N THR A 724 -11.97 -15.17 31.56
CA THR A 724 -11.96 -15.01 33.02
C THR A 724 -11.62 -16.26 33.78
N ALA A 725 -11.26 -16.08 35.05
CA ALA A 725 -10.90 -17.18 35.95
C ALA A 725 -12.14 -17.91 36.43
N GLY A 726 -13.24 -17.20 36.51
CA GLY A 726 -14.49 -17.74 37.04
C GLY A 726 -15.63 -16.75 36.97
N ALA A 727 -16.77 -17.18 37.52
CA ALA A 727 -18.02 -16.44 37.41
C ALA A 727 -17.86 -15.00 37.85
N THR A 728 -18.36 -14.08 37.05
CA THR A 728 -18.16 -12.67 37.35
C THR A 728 -19.50 -11.90 37.38
N THR A 729 -19.66 -10.98 38.34
CA THR A 729 -20.92 -10.24 38.57
C THR A 729 -20.75 -8.72 38.57
N PHE A 730 -21.52 -8.00 37.77
CA PHE A 730 -21.47 -6.53 37.77
C PHE A 730 -22.62 -5.98 38.60
N THR A 731 -22.29 -5.28 39.68
CA THR A 731 -23.31 -4.66 40.59
C THR A 731 -23.42 -3.16 40.35
N ASN A 732 -24.54 -2.56 40.76
CA ASN A 732 -24.72 -1.09 40.74
C ASN A 732 -24.56 -0.46 39.35
N VAL A 733 -24.98 -1.23 38.35
CA VAL A 733 -24.94 -0.84 36.95
C VAL A 733 -26.00 0.22 36.66
N ALA A 734 -25.56 1.43 36.31
CA ALA A 734 -26.46 2.55 35.97
C ALA A 734 -27.28 2.31 34.69
N VAL A 735 -28.32 3.10 34.49
CA VAL A 735 -29.16 3.05 33.29
C VAL A 735 -28.35 3.54 32.07
N ASN A 736 -28.65 3.03 30.87
CA ASN A 736 -27.91 3.29 29.59
C ASN A 736 -26.46 2.85 29.62
N VAL A 737 -26.17 1.87 30.45
CA VAL A 737 -24.86 1.28 30.48
C VAL A 737 -25.04 -0.09 29.87
N GLY A 738 -24.25 -0.34 28.83
CA GLY A 738 -24.21 -1.62 28.15
C GLY A 738 -22.95 -2.41 28.41
N LEU A 739 -23.09 -3.73 28.28
CA LEU A 739 -21.98 -4.65 28.36
C LEU A 739 -21.58 -5.05 26.95
N THR A 740 -20.27 -5.02 26.65
CA THR A 740 -19.72 -5.66 25.44
C THR A 740 -18.86 -6.88 25.84
N VAL A 741 -19.21 -8.06 25.35
CA VAL A 741 -18.39 -9.25 25.61
C VAL A 741 -17.44 -9.38 24.42
N LEU A 742 -16.15 -9.58 24.72
CA LEU A 742 -15.07 -9.60 23.73
C LEU A 742 -14.41 -10.97 23.55
N ALA A 743 -14.66 -11.88 24.49
CA ALA A 743 -14.08 -13.23 24.46
C ALA A 743 -14.84 -14.11 25.41
N ALA A 744 -14.71 -15.44 25.24
CA ALA A 744 -15.43 -16.41 26.08
C ALA A 744 -15.01 -16.30 27.58
N PRO A 745 -15.99 -16.02 28.46
CA PRO A 745 -15.61 -15.97 29.87
C PRO A 745 -15.79 -17.34 30.51
N THR A 746 -15.44 -17.46 31.79
CA THR A 746 -15.78 -18.66 32.56
C THR A 746 -16.87 -18.34 33.57
N GLY A 747 -17.86 -19.23 33.61
CA GLY A 747 -19.02 -19.15 34.51
C GLY A 747 -19.98 -18.01 34.22
N THR A 748 -21.19 -18.15 34.77
CA THR A 748 -22.27 -17.21 34.59
C THR A 748 -21.91 -15.76 34.88
N THR A 749 -22.17 -14.91 33.90
CA THR A 749 -21.99 -13.50 34.04
C THR A 749 -23.31 -12.86 34.47
N THR A 750 -23.39 -12.39 35.71
CA THR A 750 -24.60 -11.72 36.19
C THR A 750 -24.47 -10.21 36.10
N VAL A 751 -25.46 -9.57 35.49
CA VAL A 751 -25.60 -8.14 35.55
C VAL A 751 -26.77 -7.86 36.50
N THR A 752 -26.55 -7.03 37.53
CA THR A 752 -27.65 -6.47 38.34
C THR A 752 -27.60 -4.96 38.34
N LEU A 753 -28.67 -4.36 37.86
CA LEU A 753 -28.75 -2.92 37.67
C LEU A 753 -28.86 -2.17 38.99
N ALA A 754 -28.53 -0.88 38.89
CA ALA A 754 -28.63 0.07 39.99
C ALA A 754 -30.07 0.04 40.51
N ASN A 755 -31.03 0.20 39.57
CA ASN A 755 -32.44 0.07 39.90
C ASN A 755 -33.24 -0.68 38.82
N ALA A 756 -33.56 -1.94 39.10
CA ALA A 756 -34.30 -2.77 38.16
C ALA A 756 -35.83 -2.67 38.32
N THR A 757 -36.31 -1.90 39.31
CA THR A 757 -37.70 -2.03 39.79
C THR A 757 -38.80 -1.57 38.83
N GLY A 758 -38.53 -0.55 38.00
CA GLY A 758 -39.42 -0.06 36.92
C GLY A 758 -39.87 -1.12 35.90
N THR A 759 -40.72 -0.76 34.94
CA THR A 759 -41.26 -1.77 34.00
C THR A 759 -40.88 -1.50 32.53
N SER A 760 -39.94 -0.58 32.33
CA SER A 760 -39.44 -0.18 31.01
C SER A 760 -37.92 -0.26 30.99
N ASP A 761 -37.37 -1.29 31.63
CA ASP A 761 -35.92 -1.42 31.76
C ASP A 761 -35.29 -1.97 30.45
N VAL A 762 -34.30 -1.22 29.95
CA VAL A 762 -33.60 -1.52 28.70
C VAL A 762 -32.12 -1.82 29.00
N PHE A 763 -31.64 -2.96 28.48
CA PHE A 763 -30.22 -3.27 28.51
C PHE A 763 -29.63 -3.56 27.14
N ASN A 764 -28.46 -3.01 26.89
CA ASN A 764 -27.73 -3.24 25.63
C ASN A 764 -26.52 -4.16 25.74
N LEU A 765 -26.74 -5.43 25.40
CA LEU A 765 -25.66 -6.39 25.34
C LEU A 765 -25.03 -6.34 23.95
N THR A 766 -23.71 -6.35 23.88
CA THR A 766 -22.97 -6.45 22.61
C THR A 766 -22.01 -7.62 22.63
N LEU A 767 -21.98 -8.35 21.53
CA LEU A 767 -21.02 -9.41 21.32
C LEU A 767 -20.11 -8.98 20.16
N SER A 768 -18.79 -8.88 20.41
CA SER A 768 -17.85 -8.24 19.45
C SER A 768 -16.50 -8.93 19.34
N SER A 769 -16.34 -9.64 18.23
CA SER A 769 -15.22 -10.55 17.99
C SER A 769 -14.96 -10.68 16.50
N SER A 770 -13.72 -11.08 16.16
CA SER A 770 -13.40 -11.43 14.77
C SER A 770 -13.92 -12.84 14.43
N ALA A 771 -13.73 -13.78 15.37
CA ALA A 771 -14.21 -15.18 15.24
C ALA A 771 -15.49 -15.48 16.05
N ALA A 772 -16.10 -16.64 15.74
CA ALA A 772 -17.21 -17.19 16.53
C ALA A 772 -16.95 -17.10 18.06
N LEU A 773 -17.87 -16.43 18.76
CA LEU A 773 -17.79 -16.14 20.20
C LEU A 773 -18.86 -16.85 21.05
N ALA A 774 -18.39 -17.69 21.96
CA ALA A 774 -19.25 -18.36 22.93
C ALA A 774 -19.34 -17.52 24.22
N ALA A 775 -20.27 -16.57 24.16
CA ALA A 775 -20.50 -15.62 25.25
C ALA A 775 -20.92 -16.28 26.58
N GLY A 776 -21.35 -17.55 26.55
CA GLY A 776 -21.77 -18.25 27.79
C GLY A 776 -23.09 -17.73 28.35
N THR A 777 -23.30 -17.85 29.65
CA THR A 777 -24.53 -17.37 30.26
C THR A 777 -24.41 -15.94 30.76
N VAL A 778 -25.28 -15.06 30.29
CA VAL A 778 -25.46 -13.79 30.98
C VAL A 778 -26.88 -13.67 31.52
N ALA A 779 -26.96 -13.32 32.81
CA ALA A 779 -28.20 -13.17 33.58
C ALA A 779 -28.57 -11.68 33.68
N LEU A 780 -29.76 -11.33 33.23
CA LEU A 780 -30.27 -9.96 33.32
C LEU A 780 -31.62 -9.84 34.02
N ALA A 781 -31.67 -10.27 35.29
CA ALA A 781 -32.83 -10.10 36.18
C ALA A 781 -33.40 -8.68 36.11
N GLY A 782 -34.73 -8.56 36.02
CA GLY A 782 -35.46 -7.28 36.00
C GLY A 782 -35.40 -6.35 34.77
N VAL A 783 -34.87 -6.83 33.65
CA VAL A 783 -34.79 -6.05 32.41
C VAL A 783 -35.93 -6.48 31.47
N GLU A 784 -36.61 -5.51 30.87
CA GLU A 784 -37.83 -5.76 30.09
C GLU A 784 -37.61 -5.84 28.57
N THR A 785 -36.70 -5.00 28.08
CA THR A 785 -36.20 -5.02 26.73
C THR A 785 -34.69 -5.33 26.78
N VAL A 786 -34.30 -6.44 26.16
CA VAL A 786 -32.88 -6.86 26.03
C VAL A 786 -32.47 -6.66 24.57
N ASN A 787 -31.54 -5.76 24.32
CA ASN A 787 -30.99 -5.58 22.98
C ASN A 787 -29.65 -6.26 22.80
N ILE A 788 -29.58 -7.13 21.80
CA ILE A 788 -28.34 -7.82 21.51
C ILE A 788 -27.82 -7.38 20.16
N ALA A 789 -26.59 -6.86 20.16
CA ALA A 789 -25.80 -6.70 18.95
C ALA A 789 -24.83 -7.89 18.87
N ALA A 790 -24.88 -8.59 17.73
CA ALA A 790 -23.87 -9.59 17.39
C ALA A 790 -23.01 -8.95 16.31
N THR A 791 -21.77 -8.66 16.70
CA THR A 791 -20.82 -7.95 15.85
C THR A 791 -19.62 -8.86 15.51
N ASP A 792 -19.37 -8.89 14.19
CA ASP A 792 -18.17 -9.46 13.55
C ASP A 792 -17.26 -8.29 13.20
N THR A 793 -16.00 -8.38 13.60
CA THR A 793 -15.01 -7.32 13.34
C THR A 793 -14.30 -7.49 11.98
N ASN A 794 -14.25 -8.73 11.44
CA ASN A 794 -13.70 -9.01 10.09
C ASN A 794 -14.75 -9.36 9.02
N THR A 795 -14.29 -9.38 7.76
CA THR A 795 -15.10 -9.62 6.53
C THR A 795 -15.67 -11.03 6.33
N THR A 796 -15.16 -12.01 7.07
CA THR A 796 -15.56 -13.41 6.92
C THR A 796 -16.61 -13.86 7.99
N ALA A 797 -17.78 -14.30 7.54
CA ALA A 797 -18.97 -14.54 8.39
C ALA A 797 -18.82 -15.60 9.51
N HIS A 798 -19.45 -15.34 10.68
CA HIS A 798 -19.55 -16.32 11.81
C HIS A 798 -20.85 -16.27 12.65
N VAL A 799 -21.02 -17.25 13.54
CA VAL A 799 -22.20 -17.38 14.39
C VAL A 799 -21.82 -17.44 15.88
N ASP A 800 -22.24 -16.41 16.67
CA ASP A 800 -21.98 -16.31 18.12
C ASP A 800 -22.99 -17.15 18.91
N THR A 801 -22.64 -17.55 20.14
CA THR A 801 -23.58 -18.28 21.01
C THR A 801 -23.68 -17.69 22.43
N LEU A 802 -24.90 -17.73 22.96
CA LEU A 802 -25.26 -17.08 24.21
C LEU A 802 -26.39 -17.82 24.91
N THR A 803 -26.24 -18.07 26.20
CA THR A 803 -27.39 -18.38 27.03
C THR A 803 -27.80 -17.06 27.70
N LEU A 804 -29.01 -16.57 27.39
CA LEU A 804 -29.62 -15.44 28.09
C LEU A 804 -30.57 -15.93 29.18
N GLN A 805 -30.44 -15.35 30.36
CA GLN A 805 -31.40 -15.56 31.45
C GLN A 805 -32.00 -14.23 31.87
N ALA A 806 -33.15 -13.95 31.29
CA ALA A 806 -33.83 -12.68 31.42
C ALA A 806 -35.34 -12.95 31.63
N THR A 807 -35.67 -13.26 32.88
CA THR A 807 -36.98 -13.82 33.22
C THR A 807 -38.10 -12.79 33.23
N SER A 808 -37.80 -11.51 33.05
CA SER A 808 -38.85 -10.48 32.88
C SER A 808 -38.70 -9.66 31.60
N ALA A 809 -38.02 -10.23 30.63
CA ALA A 809 -37.93 -9.56 29.37
C ALA A 809 -39.14 -9.93 28.55
N LYS A 810 -39.79 -8.89 28.02
CA LYS A 810 -40.93 -8.97 27.12
C LYS A 810 -40.47 -8.88 25.62
N SER A 811 -39.42 -8.06 25.40
CA SER A 811 -38.71 -7.90 24.11
C SER A 811 -37.25 -8.38 24.07
N ILE A 812 -36.90 -9.04 22.97
CA ILE A 812 -35.52 -9.25 22.65
C ILE A 812 -35.37 -8.73 21.23
N VAL A 813 -34.43 -7.82 21.04
CA VAL A 813 -34.15 -7.32 19.69
C VAL A 813 -32.72 -7.69 19.37
N VAL A 814 -32.49 -8.30 18.21
CA VAL A 814 -31.12 -8.63 17.76
C VAL A 814 -30.75 -7.78 16.56
N THR A 815 -29.64 -7.08 16.67
CA THR A 815 -29.04 -6.36 15.55
C THR A 815 -27.67 -6.92 15.31
N GLY A 816 -27.03 -6.45 14.23
CA GLY A 816 -25.64 -6.80 13.96
C GLY A 816 -25.44 -7.41 12.59
N ASN A 817 -24.29 -8.08 12.45
CA ASN A 817 -23.80 -8.59 11.17
C ASN A 817 -23.15 -9.93 11.39
N ALA A 818 -23.42 -10.56 12.51
CA ALA A 818 -23.07 -11.95 12.70
C ALA A 818 -24.26 -12.73 13.26
N GLY A 819 -24.21 -14.05 13.15
CA GLY A 819 -25.30 -14.90 13.59
C GLY A 819 -25.33 -15.06 15.10
N LEU A 820 -26.52 -15.38 15.60
CA LEU A 820 -26.69 -15.67 17.01
C LEU A 820 -27.57 -16.88 17.25
N ASN A 821 -26.97 -17.95 17.74
CA ASN A 821 -27.77 -19.02 18.25
C ASN A 821 -27.95 -18.70 19.73
N LEU A 822 -29.18 -18.35 20.08
CA LEU A 822 -29.54 -17.91 21.43
C LEU A 822 -30.29 -18.96 22.24
N THR A 823 -29.70 -19.43 23.32
CA THR A 823 -30.40 -20.34 24.23
C THR A 823 -31.34 -19.45 25.05
N ASN A 824 -32.63 -19.85 25.12
CA ASN A 824 -33.68 -19.00 25.64
C ASN A 824 -34.46 -19.62 26.79
N THR A 825 -34.10 -20.85 27.16
CA THR A 825 -34.73 -21.56 28.28
C THR A 825 -35.17 -20.65 29.41
N GLY A 826 -36.41 -20.83 29.85
CA GLY A 826 -36.94 -20.15 31.03
C GLY A 826 -37.24 -18.67 30.91
N ASN A 827 -37.06 -18.08 29.73
CA ASN A 827 -37.41 -16.67 29.46
C ASN A 827 -38.84 -16.52 28.98
N THR A 828 -39.74 -16.56 29.95
CA THR A 828 -41.13 -16.88 29.64
C THR A 828 -41.96 -15.63 29.46
N ALA A 829 -41.40 -14.46 29.72
CA ALA A 829 -42.18 -13.24 29.53
C ALA A 829 -42.10 -12.71 28.11
N VAL A 830 -41.19 -13.29 27.32
CA VAL A 830 -40.89 -12.86 25.95
C VAL A 830 -42.04 -13.05 24.95
N THR A 831 -42.55 -11.92 24.47
CA THR A 831 -43.62 -11.95 23.47
C THR A 831 -43.21 -11.33 22.12
N SER A 832 -41.99 -10.78 22.07
CA SER A 832 -41.46 -10.22 20.83
C SER A 832 -39.98 -10.48 20.66
N PHE A 833 -39.68 -11.36 19.71
CA PHE A 833 -38.29 -11.62 19.28
C PHE A 833 -38.05 -11.03 17.90
N ASP A 834 -37.21 -10.02 17.83
CA ASP A 834 -37.01 -9.32 16.60
C ASP A 834 -35.53 -9.29 16.20
N ALA A 835 -35.15 -10.26 15.40
CA ALA A 835 -33.82 -10.33 14.84
C ALA A 835 -33.80 -9.80 13.41
N SER A 836 -34.79 -9.01 13.05
CA SER A 836 -35.00 -8.69 11.63
C SER A 836 -33.89 -7.85 10.99
N ALA A 837 -33.20 -7.03 11.77
CA ALA A 837 -32.16 -6.12 11.28
C ALA A 837 -30.78 -6.75 10.97
N VAL A 838 -30.54 -7.97 11.46
CA VAL A 838 -29.31 -8.76 11.26
C VAL A 838 -28.93 -8.89 9.74
N THR A 839 -27.64 -9.02 9.35
CA THR A 839 -27.23 -8.80 7.92
C THR A 839 -26.50 -9.80 6.91
N GLY A 840 -25.64 -10.75 7.32
CA GLY A 840 -24.83 -11.52 6.29
C GLY A 840 -25.45 -12.67 5.49
N THR A 841 -24.85 -13.04 4.30
CA THR A 841 -25.11 -14.36 3.56
C THR A 841 -25.63 -15.31 4.67
N GLY A 842 -24.80 -15.61 5.67
CA GLY A 842 -25.23 -16.50 6.75
C GLY A 842 -24.91 -15.97 8.13
N SER A 843 -25.45 -14.81 8.50
CA SER A 843 -25.61 -14.49 9.93
C SER A 843 -26.91 -15.15 10.54
N ALA A 844 -26.78 -16.45 10.77
CA ALA A 844 -27.87 -17.33 11.14
C ALA A 844 -28.36 -17.20 12.58
N VAL A 845 -29.64 -16.89 12.73
CA VAL A 845 -30.22 -16.69 14.05
C VAL A 845 -31.04 -17.91 14.46
N THR A 846 -30.78 -18.47 15.62
CA THR A 846 -31.61 -19.57 16.12
C THR A 846 -32.33 -19.07 17.36
N PHE A 847 -33.62 -19.38 17.47
CA PHE A 847 -34.45 -18.99 18.60
C PHE A 847 -35.55 -20.03 18.83
N VAL A 848 -35.88 -20.25 20.10
CA VAL A 848 -36.99 -21.09 20.52
C VAL A 848 -37.71 -20.36 21.68
N SER A 849 -39.00 -20.01 21.49
CA SER A 849 -39.74 -19.32 22.58
C SER A 849 -39.96 -20.22 23.77
N ALA A 850 -39.70 -19.67 24.96
CA ALA A 850 -39.94 -20.43 26.19
C ALA A 850 -41.29 -20.08 26.84
N ASN A 851 -42.06 -19.24 26.13
CA ASN A 851 -43.39 -18.72 26.54
C ASN A 851 -44.47 -19.79 26.75
N THR A 852 -45.17 -19.70 27.89
CA THR A 852 -46.17 -20.73 28.27
C THR A 852 -47.50 -20.12 28.69
N THR A 853 -47.65 -18.82 28.46
CA THR A 853 -48.92 -18.09 28.64
C THR A 853 -49.92 -18.58 27.59
N VAL A 854 -50.97 -19.24 28.08
CA VAL A 854 -51.99 -19.85 27.22
C VAL A 854 -52.69 -18.74 26.46
N GLY A 855 -52.75 -18.91 25.14
CA GLY A 855 -53.41 -17.96 24.25
C GLY A 855 -52.65 -16.67 23.95
N GLU A 856 -51.33 -16.69 24.15
CA GLU A 856 -50.49 -15.53 23.87
C GLU A 856 -50.23 -15.24 22.39
N VAL A 857 -50.07 -13.95 22.08
CA VAL A 857 -49.57 -13.48 20.80
C VAL A 857 -48.07 -13.27 20.96
N VAL A 858 -47.28 -14.11 20.27
CA VAL A 858 -45.79 -14.05 20.26
C VAL A 858 -45.34 -13.72 18.83
N THR A 859 -44.45 -12.75 18.68
CA THR A 859 -43.94 -12.39 17.35
C THR A 859 -42.44 -12.71 17.20
N ILE A 860 -42.11 -13.60 16.28
CA ILE A 860 -40.72 -14.02 16.00
C ILE A 860 -40.22 -13.61 14.61
N ARG A 861 -39.22 -12.73 14.58
CA ARG A 861 -38.66 -12.18 13.34
C ARG A 861 -37.21 -12.61 13.05
N GLY A 862 -36.98 -13.27 11.90
CA GLY A 862 -35.63 -13.62 11.44
C GLY A 862 -34.93 -12.49 10.68
N GLY A 863 -33.67 -12.72 10.36
CA GLY A 863 -32.82 -11.74 9.65
C GLY A 863 -32.41 -12.22 8.27
N ALA A 864 -31.29 -11.70 7.75
CA ALA A 864 -30.82 -12.10 6.43
C ALA A 864 -30.30 -13.56 6.39
N GLY A 865 -29.98 -14.13 7.56
CA GLY A 865 -29.36 -15.45 7.63
C GLY A 865 -30.32 -16.60 7.47
N ALA A 866 -29.76 -17.80 7.35
CA ALA A 866 -30.54 -19.03 7.30
C ALA A 866 -31.01 -19.34 8.71
N ASP A 867 -32.16 -18.76 9.12
CA ASP A 867 -32.57 -18.76 10.54
C ASP A 867 -33.40 -19.97 10.97
N SER A 868 -33.45 -20.25 12.28
CA SER A 868 -34.16 -21.39 12.81
C SER A 868 -35.06 -21.01 14.00
N LEU A 869 -36.29 -20.69 13.66
CA LEU A 869 -37.24 -20.06 14.55
C LEU A 869 -38.35 -21.02 14.96
N THR A 870 -38.44 -21.31 16.25
CA THR A 870 -39.48 -22.20 16.79
C THR A 870 -40.39 -21.41 17.74
N GLY A 871 -41.70 -21.59 17.62
CA GLY A 871 -42.67 -20.98 18.55
C GLY A 871 -42.90 -21.82 19.81
N SER A 872 -44.09 -21.68 20.36
CA SER A 872 -44.52 -22.37 21.58
C SER A 872 -45.82 -23.07 21.22
N ALA A 873 -46.04 -24.27 21.75
CA ALA A 873 -47.37 -24.94 21.64
C ALA A 873 -48.51 -24.10 22.28
N THR A 874 -48.15 -23.32 23.27
CA THR A 874 -49.03 -22.47 24.03
C THR A 874 -49.58 -21.28 23.23
N ALA A 875 -48.91 -20.96 22.13
CA ALA A 875 -49.00 -19.61 21.61
C ALA A 875 -49.37 -19.52 20.17
N ASN A 876 -50.00 -18.39 19.88
CA ASN A 876 -50.36 -17.99 18.54
C ASN A 876 -49.18 -17.20 17.96
N ASP A 877 -48.16 -17.95 17.52
CA ASP A 877 -46.90 -17.39 17.01
C ASP A 877 -47.02 -16.86 15.60
N THR A 878 -46.64 -15.59 15.41
CA THR A 878 -46.38 -15.04 14.09
C THR A 878 -44.87 -15.15 13.86
N ILE A 879 -44.46 -16.02 12.92
CA ILE A 879 -43.03 -16.22 12.66
C ILE A 879 -42.71 -15.75 11.25
N ILE A 880 -41.66 -14.94 11.12
CA ILE A 880 -41.27 -14.35 9.83
C ILE A 880 -39.76 -14.47 9.66
N GLY A 881 -39.28 -15.34 8.75
CA GLY A 881 -37.84 -15.35 8.35
C GLY A 881 -37.54 -14.16 7.43
N GLY A 882 -36.29 -13.82 7.22
CA GLY A 882 -36.01 -12.69 6.31
C GLY A 882 -35.71 -13.14 4.90
N ALA A 883 -34.51 -12.80 4.44
CA ALA A 883 -33.88 -13.46 3.29
C ALA A 883 -33.44 -14.88 3.73
N GLY A 884 -32.92 -15.71 2.80
CA GLY A 884 -32.24 -16.96 3.16
C GLY A 884 -33.07 -18.13 3.66
N ALA A 885 -32.39 -19.28 3.81
CA ALA A 885 -33.05 -20.59 3.99
C ALA A 885 -33.60 -20.79 5.41
N ASP A 886 -34.78 -20.21 5.69
CA ASP A 886 -35.32 -20.21 7.05
C ASP A 886 -36.06 -21.49 7.35
N THR A 887 -35.94 -21.95 8.60
CA THR A 887 -36.73 -23.06 9.12
C THR A 887 -37.70 -22.50 10.18
N LEU A 888 -39.00 -22.63 9.92
CA LEU A 888 -40.04 -22.14 10.81
C LEU A 888 -40.74 -23.35 11.39
N VAL A 889 -40.76 -23.48 12.71
CA VAL A 889 -41.31 -24.68 13.36
C VAL A 889 -42.69 -24.50 14.03
N TYR A 890 -43.60 -25.39 13.68
CA TYR A 890 -44.91 -25.42 14.28
C TYR A 890 -44.99 -26.42 15.44
N THR A 891 -45.49 -25.91 16.56
CA THR A 891 -45.59 -26.66 17.82
C THR A 891 -47.02 -26.83 18.34
N GLY A 892 -47.93 -25.96 17.91
CA GLY A 892 -49.32 -25.96 18.38
C GLY A 892 -49.90 -24.56 18.33
N GLY A 893 -51.24 -24.47 18.28
CA GLY A 893 -51.96 -23.19 18.33
C GLY A 893 -52.11 -22.48 17.00
N THR A 894 -52.67 -21.28 17.01
CA THR A 894 -52.97 -20.60 15.76
C THR A 894 -51.76 -19.81 15.29
N ASP A 895 -50.95 -20.42 14.42
CA ASP A 895 -49.68 -19.81 13.98
C ASP A 895 -49.71 -19.22 12.56
N THR A 896 -49.03 -18.12 12.37
CA THR A 896 -48.91 -17.47 11.07
C THR A 896 -47.42 -17.38 10.61
N PHE A 897 -47.10 -18.15 9.58
CA PHE A 897 -45.75 -18.28 9.03
C PHE A 897 -45.58 -17.53 7.73
N THR A 898 -44.44 -16.86 7.62
CA THR A 898 -44.01 -16.15 6.43
C THR A 898 -42.50 -16.38 6.36
N GLY A 899 -42.06 -17.28 5.50
CA GLY A 899 -40.62 -17.37 5.20
C GLY A 899 -40.54 -16.38 4.06
N GLY A 900 -39.62 -15.41 4.10
CA GLY A 900 -39.59 -14.38 3.04
C GLY A 900 -39.03 -14.95 1.74
N THR A 901 -38.03 -14.24 1.21
CA THR A 901 -37.29 -14.72 0.06
C THR A 901 -36.49 -15.99 0.46
N GLY A 902 -36.14 -16.82 -0.55
CA GLY A 902 -35.31 -18.00 -0.33
C GLY A 902 -36.07 -19.30 -0.10
N ALA A 903 -35.33 -20.41 -0.18
CA ALA A 903 -35.86 -21.77 -0.04
C ALA A 903 -36.17 -22.05 1.43
N ASP A 904 -37.35 -21.62 1.89
CA ASP A 904 -37.71 -21.79 3.31
C ASP A 904 -38.24 -23.18 3.57
N ILE A 905 -38.05 -23.69 4.77
CA ILE A 905 -38.62 -25.00 5.13
C ILE A 905 -39.62 -24.82 6.30
N PHE A 906 -40.88 -25.19 6.07
CA PHE A 906 -41.93 -25.09 7.10
C PHE A 906 -42.05 -26.43 7.79
N ASP A 907 -41.38 -26.55 8.93
CA ASP A 907 -41.25 -27.82 9.65
C ASP A 907 -42.42 -28.01 10.61
N ILE A 908 -43.34 -28.91 10.23
CA ILE A 908 -44.59 -29.14 10.98
C ILE A 908 -44.39 -30.28 11.97
N ASN A 909 -44.29 -29.92 13.25
CA ASN A 909 -44.03 -30.89 14.30
C ASN A 909 -45.23 -31.15 15.21
N ALA A 910 -46.33 -30.48 14.94
CA ALA A 910 -47.57 -30.73 15.65
C ALA A 910 -48.80 -30.86 14.74
N ILE A 911 -49.80 -31.49 15.33
CA ILE A 911 -50.96 -31.94 14.63
C ILE A 911 -51.95 -30.76 14.57
N GLY A 912 -52.09 -30.06 15.70
CA GLY A 912 -53.00 -28.89 15.83
C GLY A 912 -54.45 -29.33 16.04
N THR A 913 -55.41 -28.41 15.87
CA THR A 913 -56.82 -28.80 15.84
C THR A 913 -57.39 -28.59 14.43
N SER A 914 -58.68 -28.25 14.38
CA SER A 914 -59.38 -27.82 13.17
C SER A 914 -59.53 -26.32 13.18
N THR A 915 -59.31 -25.71 14.35
CA THR A 915 -59.36 -24.25 14.50
C THR A 915 -57.95 -23.68 14.74
N ALA A 916 -57.21 -24.28 15.68
CA ALA A 916 -55.81 -23.93 15.91
C ALA A 916 -54.91 -24.76 15.00
N PHE A 917 -54.55 -24.14 13.88
CA PHE A 917 -53.65 -24.71 12.87
C PHE A 917 -52.72 -23.62 12.32
N VAL A 918 -51.70 -24.06 11.59
CA VAL A 918 -50.76 -23.14 10.96
C VAL A 918 -51.26 -22.66 9.58
N THR A 919 -51.22 -21.34 9.39
CA THR A 919 -51.40 -20.73 8.10
C THR A 919 -50.01 -20.30 7.63
N ILE A 920 -49.63 -20.72 6.42
CA ILE A 920 -48.42 -20.27 5.75
C ILE A 920 -48.79 -19.23 4.69
N THR A 921 -48.38 -17.99 4.90
CA THR A 921 -48.89 -16.86 4.11
C THR A 921 -48.36 -16.75 2.69
N ASP A 922 -47.12 -17.20 2.45
CA ASP A 922 -46.45 -16.93 1.18
C ASP A 922 -45.75 -18.10 0.50
N ALA A 923 -46.21 -19.32 0.78
CA ALA A 923 -45.72 -20.54 0.13
C ALA A 923 -45.56 -20.31 -1.38
N ALA A 924 -44.34 -20.54 -1.85
CA ALA A 924 -43.98 -20.29 -3.24
C ALA A 924 -43.04 -21.38 -3.73
N VAL A 925 -42.81 -21.39 -5.05
CA VAL A 925 -41.88 -22.30 -5.68
C VAL A 925 -40.50 -22.29 -4.97
N GLY A 926 -40.07 -23.47 -4.52
CA GLY A 926 -38.78 -23.64 -3.84
C GLY A 926 -38.88 -23.93 -2.35
N ASP A 927 -39.89 -23.35 -1.70
CA ASP A 927 -40.19 -23.62 -0.30
C ASP A 927 -40.58 -25.08 -0.08
N LYS A 928 -40.30 -25.61 1.09
CA LYS A 928 -40.58 -27.01 1.43
C LYS A 928 -41.58 -27.12 2.57
N LEU A 929 -42.24 -28.26 2.71
CA LEU A 929 -43.19 -28.47 3.80
C LEU A 929 -42.90 -29.82 4.48
N ASP A 930 -42.13 -29.75 5.55
CA ASP A 930 -41.60 -30.93 6.21
C ASP A 930 -42.65 -31.54 7.13
N LEU A 931 -43.22 -32.66 6.69
CA LEU A 931 -44.29 -33.29 7.45
C LEU A 931 -43.86 -34.55 8.25
N VAL A 932 -42.56 -34.67 8.51
CA VAL A 932 -41.98 -35.88 9.19
C VAL A 932 -42.65 -36.09 10.55
N GLY A 933 -42.88 -34.96 11.25
CA GLY A 933 -43.47 -34.94 12.61
C GLY A 933 -44.96 -35.14 12.75
N ILE A 934 -45.66 -35.44 11.66
CA ILE A 934 -47.09 -35.80 11.67
C ILE A 934 -47.42 -37.19 11.03
N SER A 935 -46.40 -37.85 10.46
CA SER A 935 -46.37 -39.31 10.07
C SER A 935 -46.76 -40.23 11.23
N THR A 936 -47.93 -40.00 11.86
CA THR A 936 -48.29 -40.74 13.10
C THR A 936 -48.15 -42.22 12.84
N ASN A 937 -48.82 -42.72 11.81
CA ASN A 937 -48.74 -44.13 11.46
C ASN A 937 -47.89 -44.27 10.21
N GLY A 938 -46.63 -44.68 10.40
CA GLY A 938 -45.68 -44.88 9.30
C GLY A 938 -45.07 -43.59 8.78
N ALA A 939 -45.02 -43.50 7.44
CA ALA A 939 -44.33 -42.41 6.74
C ALA A 939 -44.93 -42.06 5.36
N ILE A 940 -45.18 -40.78 5.16
CA ILE A 940 -45.99 -40.23 4.05
C ILE A 940 -45.64 -40.70 2.63
N ALA A 941 -46.68 -40.71 1.79
CA ALA A 941 -46.66 -40.96 0.33
C ALA A 941 -45.29 -41.31 -0.23
N ASP A 942 -44.45 -40.30 -0.49
CA ASP A 942 -43.15 -40.48 -1.15
C ASP A 942 -43.23 -40.27 -2.65
N GLY A 943 -44.43 -40.37 -3.24
CA GLY A 943 -44.63 -40.01 -4.66
C GLY A 943 -44.56 -38.52 -4.99
N ALA A 944 -45.13 -38.16 -6.13
CA ALA A 944 -45.38 -36.74 -6.50
C ALA A 944 -46.85 -36.35 -6.25
N PHE A 945 -47.60 -37.30 -5.66
CA PHE A 945 -49.00 -37.16 -5.17
C PHE A 945 -49.65 -35.77 -5.37
N GLY A 946 -50.33 -35.57 -6.50
CA GLY A 946 -50.69 -34.21 -6.89
C GLY A 946 -51.97 -33.89 -7.67
N ALA A 947 -53.03 -34.68 -7.51
CA ALA A 947 -54.34 -34.25 -8.07
C ALA A 947 -55.21 -33.71 -6.93
N ALA A 948 -55.55 -32.41 -7.02
CA ALA A 948 -56.36 -31.72 -5.99
C ALA A 948 -57.69 -32.42 -5.72
N VAL A 949 -58.12 -32.49 -4.47
CA VAL A 949 -59.47 -32.98 -4.18
C VAL A 949 -60.49 -31.91 -4.63
N THR A 950 -61.42 -32.32 -5.50
CA THR A 950 -62.45 -31.40 -6.03
C THR A 950 -63.83 -31.73 -5.52
N LEU A 951 -64.51 -30.70 -5.03
CA LEU A 951 -65.88 -30.84 -4.59
C LEU A 951 -66.78 -29.77 -5.21
N GLY A 952 -68.04 -29.75 -4.79
CA GLY A 952 -69.07 -28.96 -5.42
C GLY A 952 -69.02 -27.47 -5.18
N ALA A 953 -69.71 -26.74 -6.06
CA ALA A 953 -69.84 -25.26 -6.03
C ALA A 953 -70.11 -24.63 -4.64
N ALA A 954 -70.68 -25.39 -3.70
CA ALA A 954 -70.98 -24.87 -2.37
C ALA A 954 -70.53 -25.80 -1.22
N ALA A 955 -69.51 -26.63 -1.49
CA ALA A 955 -68.97 -27.49 -0.45
C ALA A 955 -68.32 -26.65 0.63
N THR A 956 -68.45 -27.07 1.89
CA THR A 956 -67.95 -26.33 3.06
C THR A 956 -66.54 -26.79 3.41
N LEU A 957 -65.83 -25.99 4.22
CA LEU A 957 -64.49 -26.36 4.66
C LEU A 957 -64.56 -27.69 5.39
N ALA A 958 -65.59 -27.83 6.22
CA ALA A 958 -65.87 -29.07 6.95
C ALA A 958 -65.99 -30.27 6.00
N GLN A 959 -66.74 -30.08 4.90
CA GLN A 959 -66.95 -31.10 3.87
C GLN A 959 -65.65 -31.48 3.16
N TYR A 960 -64.90 -30.47 2.69
CA TYR A 960 -63.56 -30.68 2.07
C TYR A 960 -62.57 -31.42 2.96
N LEU A 961 -62.63 -31.18 4.28
CA LEU A 961 -61.77 -31.88 5.25
C LEU A 961 -62.13 -33.37 5.32
N ASP A 962 -63.39 -33.62 5.67
CA ASP A 962 -63.99 -34.97 5.66
C ASP A 962 -63.72 -35.75 4.36
N ALA A 963 -63.89 -35.07 3.22
CA ALA A 963 -63.60 -35.65 1.91
C ALA A 963 -62.12 -36.07 1.81
N ALA A 964 -61.21 -35.18 2.25
CA ALA A 964 -59.76 -35.39 2.17
C ALA A 964 -59.29 -36.53 3.07
N ALA A 965 -59.96 -36.71 4.20
CA ALA A 965 -59.59 -37.73 5.16
C ALA A 965 -60.39 -39.01 5.00
N ALA A 966 -61.11 -39.15 3.88
CA ALA A 966 -62.03 -40.29 3.69
C ALA A 966 -61.35 -41.66 3.85
N GLY A 967 -60.12 -41.78 3.33
CA GLY A 967 -59.34 -43.03 3.35
C GLY A 967 -58.95 -43.56 4.71
N ASP A 968 -58.22 -44.68 4.70
CA ASP A 968 -57.73 -45.31 5.92
C ASP A 968 -56.25 -45.00 6.22
N GLY A 969 -56.05 -44.25 7.30
CA GLY A 969 -54.71 -43.84 7.76
C GLY A 969 -54.20 -44.57 9.00
N SER A 970 -54.86 -45.68 9.34
CA SER A 970 -54.57 -46.47 10.56
C SER A 970 -53.21 -47.17 10.53
N GLY A 971 -52.83 -47.69 9.36
CA GLY A 971 -51.56 -48.38 9.18
C GLY A 971 -50.53 -47.53 8.47
N THR A 972 -51.01 -46.54 7.72
CA THR A 972 -50.16 -45.71 6.88
C THR A 972 -50.84 -44.36 6.63
N SER A 973 -50.21 -43.28 7.12
CA SER A 973 -50.70 -41.90 6.97
C SER A 973 -50.63 -41.46 5.51
N VAL A 974 -51.64 -40.69 5.07
CA VAL A 974 -51.66 -40.23 3.68
C VAL A 974 -51.88 -38.73 3.58
N ALA A 975 -51.24 -38.13 2.60
CA ALA A 975 -51.40 -36.72 2.28
C ALA A 975 -52.41 -36.56 1.18
N LYS A 976 -53.22 -35.49 1.31
CA LYS A 976 -54.12 -35.03 0.26
C LYS A 976 -54.10 -33.51 0.34
N TRP A 977 -54.68 -32.84 -0.66
CA TRP A 977 -54.85 -31.39 -0.60
C TRP A 977 -56.10 -30.86 -1.36
N PHE A 978 -56.54 -29.64 -1.03
CA PHE A 978 -57.66 -28.98 -1.73
C PHE A 978 -57.59 -27.47 -1.73
N GLN A 979 -58.50 -26.83 -2.45
CA GLN A 979 -58.60 -25.37 -2.46
C GLN A 979 -60.02 -24.94 -2.08
N PHE A 980 -60.15 -24.28 -0.92
CA PHE A 980 -61.42 -23.75 -0.44
C PHE A 980 -61.34 -22.25 -0.18
N GLY A 981 -62.36 -21.56 -0.65
CA GLY A 981 -62.57 -20.15 -0.43
C GLY A 981 -61.40 -19.25 -0.78
N GLY A 982 -60.59 -19.66 -1.74
CA GLY A 982 -59.50 -18.79 -2.19
C GLY A 982 -58.15 -19.11 -1.59
N ASP A 983 -58.12 -20.07 -0.67
CA ASP A 983 -56.88 -20.53 0.01
C ASP A 983 -56.65 -22.02 -0.22
N THR A 984 -55.41 -22.46 -0.11
CA THR A 984 -55.04 -23.84 -0.37
C THR A 984 -54.75 -24.60 0.94
N TYR A 985 -55.22 -25.83 1.07
CA TYR A 985 -55.07 -26.61 2.33
C TYR A 985 -54.37 -27.94 2.05
N VAL A 986 -53.60 -28.44 3.02
CA VAL A 986 -52.94 -29.76 2.92
C VAL A 986 -53.43 -30.57 4.11
N VAL A 987 -53.66 -31.87 3.92
CA VAL A 987 -54.16 -32.73 5.01
C VAL A 987 -53.29 -33.99 5.22
N VAL A 988 -53.20 -34.44 6.47
CA VAL A 988 -52.62 -35.75 6.78
C VAL A 988 -53.71 -36.58 7.46
N ASP A 989 -54.07 -37.68 6.81
CA ASP A 989 -55.05 -38.61 7.36
C ASP A 989 -54.31 -39.70 8.08
N SER A 990 -54.59 -39.79 9.38
CA SER A 990 -54.01 -40.83 10.23
C SER A 990 -55.11 -41.68 10.88
N SER A 991 -56.30 -41.66 10.31
CA SER A 991 -57.49 -42.28 10.93
C SER A 991 -58.30 -43.27 10.06
N ALA A 992 -59.15 -44.05 10.74
CA ALA A 992 -60.09 -44.98 10.13
C ALA A 992 -61.13 -44.27 9.24
N GLY A 993 -62.25 -43.86 9.85
CA GLY A 993 -63.45 -43.33 9.17
C GLY A 993 -63.25 -42.10 8.30
N ALA A 994 -64.28 -41.76 7.53
CA ALA A 994 -64.24 -40.59 6.65
C ALA A 994 -64.47 -39.25 7.39
N THR A 995 -64.46 -39.28 8.73
CA THR A 995 -64.39 -38.04 9.51
C THR A 995 -62.91 -37.65 9.66
N PHE A 996 -62.64 -36.39 9.29
CA PHE A 996 -61.44 -35.71 9.72
C PHE A 996 -61.58 -35.57 11.23
N VAL A 997 -60.76 -36.29 11.99
CA VAL A 997 -60.80 -36.15 13.46
C VAL A 997 -59.79 -35.11 13.95
N SER A 998 -60.28 -34.08 14.63
CA SER A 998 -59.50 -32.90 15.03
C SER A 998 -58.17 -33.27 15.68
N GLY A 999 -58.25 -34.20 16.64
CA GLY A 999 -57.10 -34.78 17.35
C GLY A 999 -55.90 -35.24 16.52
N ALA A 1000 -56.08 -36.31 15.73
CA ALA A 1000 -54.94 -37.02 15.09
C ALA A 1000 -54.74 -36.75 13.59
N ASP A 1001 -55.80 -36.31 12.91
CA ASP A 1001 -55.70 -35.83 11.53
C ASP A 1001 -55.29 -34.36 11.55
N ALA A 1002 -54.55 -33.94 10.53
CA ALA A 1002 -53.95 -32.61 10.53
C ALA A 1002 -54.25 -31.79 9.30
N VAL A 1003 -54.59 -30.51 9.50
CA VAL A 1003 -54.73 -29.56 8.39
C VAL A 1003 -53.69 -28.42 8.48
N ILE A 1004 -53.21 -28.02 7.31
CA ILE A 1004 -52.29 -26.89 7.13
C ILE A 1004 -52.84 -25.92 6.07
N LYS A 1005 -53.11 -24.66 6.43
CA LYS A 1005 -53.60 -23.63 5.49
C LYS A 1005 -52.44 -22.94 4.75
N LEU A 1006 -52.63 -22.63 3.48
CA LEU A 1006 -51.69 -21.84 2.69
C LEU A 1006 -52.49 -20.73 2.05
N THR A 1007 -52.22 -19.48 2.43
CA THR A 1007 -52.88 -18.32 1.82
C THR A 1007 -52.76 -18.36 0.28
N GLY A 1008 -53.89 -18.14 -0.42
CA GLY A 1008 -53.92 -18.04 -1.88
C GLY A 1008 -54.15 -19.38 -2.58
N LEU A 1009 -54.32 -19.32 -3.90
CA LEU A 1009 -54.35 -20.54 -4.72
C LEU A 1009 -52.93 -20.93 -5.10
N VAL A 1010 -52.43 -21.98 -4.50
CA VAL A 1010 -51.13 -22.49 -4.93
C VAL A 1010 -51.30 -23.94 -5.40
N THR A 1011 -50.93 -24.19 -6.66
CA THR A 1011 -51.14 -25.51 -7.27
C THR A 1011 -50.01 -26.45 -6.90
N LEU A 1012 -50.34 -27.51 -6.16
CA LEU A 1012 -49.38 -28.53 -5.74
C LEU A 1012 -49.43 -29.79 -6.62
N THR A 1013 -50.05 -29.65 -7.80
CA THR A 1013 -50.18 -30.71 -8.83
C THR A 1013 -48.85 -31.44 -9.05
N THR A 1014 -47.88 -30.66 -9.56
CA THR A 1014 -46.55 -31.13 -9.99
C THR A 1014 -45.55 -31.29 -8.84
N SER A 1015 -45.88 -30.79 -7.65
CA SER A 1015 -44.94 -30.80 -6.50
C SER A 1015 -44.79 -32.19 -5.82
N ALA A 1016 -43.57 -32.52 -5.38
CA ALA A 1016 -43.23 -33.92 -5.02
C ALA A 1016 -42.80 -34.11 -3.56
N PHE A 1017 -43.09 -35.29 -3.00
CA PHE A 1017 -42.69 -35.66 -1.62
C PHE A 1017 -41.32 -36.36 -1.53
N ALA A 1018 -40.32 -35.61 -1.00
CA ALA A 1018 -38.90 -36.04 -0.79
C ALA A 1018 -38.81 -37.25 0.16
N THR A 1019 -38.45 -37.08 1.43
CA THR A 1019 -38.78 -38.17 2.34
C THR A 1019 -40.23 -37.86 2.67
N GLU A 1020 -40.45 -37.17 3.78
CA GLU A 1020 -41.79 -36.76 4.09
C GLU A 1020 -41.83 -35.25 3.90
N VAL A 1021 -41.18 -34.80 2.83
CA VAL A 1021 -40.87 -33.39 2.66
C VAL A 1021 -41.32 -32.90 1.30
N LEU A 1022 -42.36 -32.06 1.28
CA LEU A 1022 -42.97 -31.61 0.02
C LEU A 1022 -42.31 -30.34 -0.59
N THR A 1023 -41.64 -30.50 -1.72
CA THR A 1023 -40.94 -29.37 -2.37
C THR A 1023 -41.82 -28.72 -3.46
N LEU A 1024 -42.14 -27.44 -3.28
CA LEU A 1024 -43.05 -26.73 -4.19
C LEU A 1024 -42.43 -26.38 -5.54
N ALA A 1025 -43.09 -26.85 -6.63
CA ALA A 1025 -42.58 -26.92 -8.02
C ALA A 1025 -43.08 -25.82 -8.98
C1 BMA B . -0.30 55.20 -40.47
C2 BMA B . -0.12 54.19 -39.38
C3 BMA B . 1.34 53.69 -39.47
C4 BMA B . 1.66 53.03 -40.83
C5 BMA B . 1.13 53.85 -42.00
C6 BMA B . 0.96 52.86 -43.14
O2 BMA B . -1.07 53.13 -39.63
O3 BMA B . 1.63 52.74 -38.44
O4 BMA B . 3.05 52.73 -40.96
O5 BMA B . -0.13 54.53 -41.76
O6 BMA B . 0.09 51.80 -42.72
C1 MRH B . 2.12 53.32 -37.20
O5 MRH B . 1.16 54.18 -36.54
C5 MRH B . -0.02 53.51 -36.09
C6 MRH B . -0.97 54.58 -35.60
C4 MRH B . 0.33 52.37 -35.12
N4 MRH B . -0.85 51.59 -34.78
C7 MRH B . -1.18 51.35 -33.53
C8 MRH B . -2.64 51.03 -33.33
O7 MRH B . -0.36 51.39 -32.61
C3 MRH B . 1.30 51.41 -35.79
O3 MRH B . 1.70 50.36 -34.91
C2 MRH B . 2.52 52.20 -36.26
O2 MRH B . 3.10 52.76 -35.09
C1 MRH B . 1.54 49.02 -35.47
O5 MRH B . 2.61 48.58 -36.30
C5 MRH B . 3.91 48.62 -35.67
C6 MRH B . 4.92 48.41 -36.78
C4 MRH B . 3.92 47.67 -34.47
N4 MRH B . 5.19 47.56 -33.79
C7 MRH B . 6.26 47.02 -34.40
C8 MRH B . 7.57 47.65 -34.01
O7 MRH B . 6.18 46.17 -35.30
C3 MRH B . 2.80 48.01 -33.50
O3 MRH B . 2.68 46.96 -32.56
C2 MRH B . 1.49 48.07 -34.30
O2 MRH B . 1.18 46.77 -34.81
C1 BMA B . 2.86 47.35 -31.18
C2 BMA B . 2.66 46.06 -30.35
C3 BMA B . 2.51 46.37 -28.84
C4 BMA B . 3.65 47.32 -28.43
C5 BMA B . 4.09 48.35 -29.54
C6 BMA B . 5.52 48.80 -29.24
O2 BMA B . 3.77 45.21 -30.69
O3 BMA B . 2.64 45.11 -28.18
O4 BMA B . 3.37 47.79 -27.11
O5 BMA B . 4.13 47.85 -30.89
O6 BMA B . 5.57 49.97 -30.06
C1 MRH B . 1.48 44.81 -27.31
O5 MRH B . 0.41 44.23 -28.08
C5 MRH B . 0.76 43.05 -28.81
C6 MRH B . -0.46 42.73 -29.65
C4 MRH B . 1.06 41.96 -27.79
N4 MRH B . 1.46 40.75 -28.47
C7 MRH B . 0.82 39.62 -28.20
C8 MRH B . 0.92 38.57 -29.26
O7 MRH B . 0.19 39.42 -27.17
C3 MRH B . 2.16 42.40 -26.83
O3 MRH B . 2.40 41.46 -25.78
C2 MRH B . 1.84 43.78 -26.24
O2 MRH B . 0.82 43.61 -25.28
C1 MRH B . 3.72 40.82 -25.87
O5 MRH B . 4.78 41.72 -25.64
C5 MRH B . 4.66 42.40 -24.39
C6 MRH B . 5.77 43.41 -24.43
C4 MRH B . 4.75 41.39 -23.24
N4 MRH B . 4.59 41.98 -21.95
C7 MRH B . 5.55 41.85 -21.02
C8 MRH B . 5.22 42.42 -19.66
O7 MRH B . 6.67 41.35 -21.23
C3 MRH B . 3.76 40.27 -23.39
O3 MRH B . 4.05 39.24 -22.45
C2 MRH B . 3.84 39.73 -24.82
O2 MRH B . 5.01 38.96 -25.04
C1 BMA B . 2.83 38.71 -21.92
C2 BMA B . 3.02 37.52 -21.06
C3 BMA B . 1.67 37.04 -20.44
C4 BMA B . 0.98 38.15 -19.61
C5 BMA B . 0.90 39.38 -20.53
C6 BMA B . 0.44 40.61 -19.82
O2 BMA B . 3.94 37.92 -20.04
O3 BMA B . 1.95 35.95 -19.53
O4 BMA B . -0.23 37.67 -18.97
O5 BMA B . 2.15 39.71 -21.17
O6 BMA B . -0.03 41.55 -20.82
C1 MRH B . 1.54 34.66 -19.96
O5 MRH B . 2.45 34.16 -20.95
C5 MRH B . 3.80 34.03 -20.52
C6 MRH B . 4.62 33.73 -21.74
C4 MRH B . 3.82 32.94 -19.47
N4 MRH B . 5.18 32.67 -19.09
C7 MRH B . 5.66 31.42 -19.20
C8 MRH B . 7.06 31.33 -19.69
O7 MRH B . 5.01 30.41 -18.89
C3 MRH B . 2.91 33.31 -18.31
O3 MRH B . 2.82 32.21 -17.40
C2 MRH B . 1.51 33.66 -18.82
O2 MRH B . 0.89 32.43 -19.27
C1 MRH B . 3.67 32.38 -16.24
O5 MRH B . 3.35 33.55 -15.46
C5 MRH B . 2.05 33.59 -14.84
C6 MRH B . 1.97 34.91 -14.10
C4 MRH B . 1.84 32.33 -13.98
N4 MRH B . 0.48 32.24 -13.44
C7 MRH B . 0.16 32.67 -12.22
C8 MRH B . -1.24 32.35 -11.76
O7 MRH B . 0.94 33.26 -11.47
C3 MRH B . 2.18 31.03 -14.71
O3 MRH B . 2.18 29.94 -13.79
C2 MRH B . 3.57 31.15 -15.34
O2 MRH B . 4.59 31.17 -14.33
CA CA C . 40.89 10.07 -21.80
CA CA D . 39.80 10.77 -26.61
CA CA E . 44.89 -6.87 -30.96
CA CA F . 33.99 -1.54 28.92
CA CA G . 26.10 -3.25 34.15
CA CA H . -2.73 8.38 26.35
CA CA I . -6.58 9.26 28.29
CA CA J . -11.03 10.25 30.77
CA CA K . -37.91 -4.26 36.10
CA CA L . -15.64 -13.35 11.49
CA CA M . -33.67 -15.43 7.38
CA CA N . -36.68 -16.79 4.16
CA CA O . -39.56 -18.27 0.49
CA CA P . -47.57 -21.94 18.28
CA CA Q . -59.79 -41.10 7.55
CA CA R . 32.21 -5.88 24.93
CA CA S . -12.79 6.56 40.57
CA CA T . -35.53 -9.74 32.82
CA CA U . -40.86 -32.52 11.31
CA CA V . -7.59 34.57 -30.10
CA CA W . -5.66 26.76 -28.29
CA CA X . 5.38 14.61 -26.81
#